data_2CES
#
_entry.id   2CES
#
_cell.length_a   94.483
_cell.length_b   94.886
_cell.length_c   113.928
_cell.angle_alpha   90.00
_cell.angle_beta   90.00
_cell.angle_gamma   90.00
#
_symmetry.space_group_name_H-M   'P 21 21 21'
#
loop_
_entity.id
_entity.type
_entity.pdbx_description
1 polymer 'BETA-GLUCOSIDASE A'
2 non-polymer 'ACETATE ION'
3 non-polymer GLUCOIMIDAZOLE
4 non-polymer 'CALCIUM ION'
5 water water
#
_entity_poly.entity_id   1
_entity_poly.type   'polypeptide(L)'
_entity_poly.pdbx_seq_one_letter_code
;MGSSHHHHHHSSGLVPRGSHMASNVKKFPEGFLWGVATASYQIEGSPLADGAGMSIWHTFSHTPGNVKNGDTGDVACDHY
NRWKEDIEIIEKLGVKAYRFSISWPRILPEGTGRVNQKGLDFYNRIIDTLLEKGITPFVTIYHWDLPFALQLKGGWANRE
IADWFAEYSRVLFENFGDRVKNWITLNEPWVVAIVGHLYGVHAPGMRDIYVAFRAVHNLLRAHARAVKVFRETVKDGKIG
IVFNNGYFEPASEKEEDIRAVRFMHQFNNYPLFLNPIYRGDYPELVLEFAREYLPENYKDDMSEIQEKIDFVGLNYYSGH
LVKFDPDAPAKVSFVERDLPKTAMGWEIVPEGIYWILKKVKEEYNPPEVYITENGAAFDDVVSEDGRVHDQNRIDYLKAH
IGQAWKAIQEGVPLKGYFVWSLLDNFEWAEGYSKRFGIVYVDYSTQKRIVKDSGYWYSNVVKNNGLED
;
_entity_poly.pdbx_strand_id   A,B
#
# COMPACT_ATOMS: atom_id res chain seq x y z
N VAL A 25 0.47 36.60 19.33
CA VAL A 25 0.45 35.99 20.69
C VAL A 25 -0.91 35.32 21.05
N LYS A 26 -0.87 34.02 21.29
CA LYS A 26 -2.03 33.29 21.82
C LYS A 26 -1.59 32.66 23.15
N LYS A 27 -1.87 33.38 24.23
CA LYS A 27 -1.50 32.94 25.57
C LYS A 27 -2.66 32.13 26.14
N PHE A 28 -2.33 31.10 26.92
CA PHE A 28 -3.32 30.23 27.55
C PHE A 28 -3.59 30.67 29.00
N PRO A 29 -4.69 30.20 29.63
CA PRO A 29 -4.97 30.61 30.99
C PRO A 29 -3.85 30.29 31.97
N GLU A 30 -3.83 30.99 33.10
CA GLU A 30 -2.86 30.68 34.15
C GLU A 30 -3.07 29.26 34.66
N GLY A 31 -1.99 28.51 34.86
CA GLY A 31 -2.09 27.12 35.33
C GLY A 31 -2.55 26.05 34.34
N PHE A 32 -2.77 26.41 33.07
CA PHE A 32 -3.05 25.46 32.00
C PHE A 32 -1.97 24.36 31.96
N LEU A 33 -2.40 23.10 31.91
CA LEU A 33 -1.46 21.96 31.95
C LEU A 33 -0.95 21.57 30.57
N TRP A 34 0.32 21.85 30.30
CA TRP A 34 0.97 21.30 29.12
C TRP A 34 1.61 19.93 29.41
N GLY A 35 1.19 18.91 28.68
CA GLY A 35 1.67 17.56 28.89
C GLY A 35 2.16 16.83 27.66
N VAL A 36 2.77 15.68 27.91
CA VAL A 36 3.00 14.68 26.88
C VAL A 36 2.38 13.34 27.39
N ALA A 37 2.09 12.44 26.47
CA ALA A 37 1.41 11.19 26.78
C ALA A 37 2.10 9.94 26.19
N THR A 38 2.02 8.84 26.95
CA THR A 38 2.44 7.51 26.55
C THR A 38 1.42 6.46 27.02
N ALA A 39 1.72 5.19 26.72
CA ALA A 39 0.96 4.01 27.23
C ALA A 39 1.95 2.87 27.52
N SER A 40 1.69 2.10 28.56
CA SER A 40 2.56 1.02 29.08
C SER A 40 3.12 0.07 28.01
N TYR A 41 2.24 -0.56 27.23
CA TYR A 41 2.66 -1.61 26.28
C TYR A 41 3.45 -1.02 25.08
N GLN A 42 3.11 0.22 24.76
CA GLN A 42 3.78 0.92 23.68
C GLN A 42 5.22 1.32 23.92
N ILE A 43 5.62 1.54 25.18
CA ILE A 43 6.97 2.08 25.49
C ILE A 43 7.85 1.21 26.39
N GLU A 44 7.22 0.45 27.28
CA GLU A 44 7.94 -0.24 28.35
C GLU A 44 8.87 -1.40 27.92
N GLY A 45 8.37 -2.33 27.11
CA GLY A 45 9.11 -3.58 26.90
C GLY A 45 9.17 -4.37 28.20
N SER A 46 9.95 -5.45 28.20
CA SER A 46 10.04 -6.33 29.37
C SER A 46 8.64 -6.71 29.87
N PRO A 47 7.75 -7.23 28.97
CA PRO A 47 6.36 -7.46 29.42
C PRO A 47 6.24 -8.55 30.48
N LEU A 48 7.22 -9.45 30.58
CA LEU A 48 7.16 -10.50 31.63
C LEU A 48 8.21 -10.37 32.75
N ALA A 49 8.79 -9.17 32.90
CA ALA A 49 9.80 -8.94 33.96
C ALA A 49 9.14 -8.88 35.32
N ASP A 50 9.91 -9.29 36.34
CA ASP A 50 9.53 -9.12 37.75
C ASP A 50 8.13 -9.65 38.09
N GLY A 51 7.82 -10.85 37.63
CA GLY A 51 6.53 -11.46 37.99
C GLY A 51 5.27 -10.98 37.26
N ALA A 52 5.39 -10.08 36.29
CA ALA A 52 4.24 -9.65 35.44
C ALA A 52 3.49 -10.84 34.81
N GLY A 53 2.16 -10.75 34.69
CA GLY A 53 1.42 -11.76 33.94
C GLY A 53 1.42 -11.32 32.48
N MET A 54 1.18 -12.25 31.57
CA MET A 54 0.93 -11.91 30.18
C MET A 54 -0.32 -11.01 30.00
N SER A 55 -0.27 -10.06 29.08
CA SER A 55 -1.43 -9.29 28.69
C SER A 55 -1.90 -9.83 27.36
N ILE A 56 -3.10 -9.42 26.93
CA ILE A 56 -3.63 -9.78 25.60
C ILE A 56 -2.86 -9.17 24.44
N TRP A 57 -2.08 -8.10 24.71
CA TRP A 57 -1.26 -7.55 23.63
C TRP A 57 0.02 -8.34 23.40
N HIS A 58 0.53 -8.95 24.47
CA HIS A 58 1.64 -9.89 24.40
C HIS A 58 1.24 -11.08 23.50
N THR A 59 0.12 -11.72 23.82
CA THR A 59 -0.32 -12.92 23.08
C THR A 59 -0.80 -12.59 21.65
N PHE A 60 -1.50 -11.47 21.49
CA PHE A 60 -1.90 -10.96 20.17
C PHE A 60 -0.70 -10.66 19.27
N SER A 61 0.29 -9.93 19.79
CA SER A 61 1.39 -9.53 18.94
C SER A 61 2.36 -10.71 18.70
N HIS A 62 2.32 -11.70 19.59
CA HIS A 62 3.06 -12.95 19.33
C HIS A 62 2.32 -13.96 18.43
N THR A 63 1.14 -13.59 17.96
CA THR A 63 0.40 -14.44 17.00
C THR A 63 0.75 -13.95 15.60
N PRO A 64 1.34 -14.83 14.76
CA PRO A 64 1.71 -14.42 13.38
C PRO A 64 0.59 -13.81 12.58
N GLY A 65 0.90 -12.74 11.86
CA GLY A 65 -0.09 -12.10 11.00
C GLY A 65 -0.85 -10.95 11.65
N ASN A 66 -0.78 -10.78 12.96
CA ASN A 66 -1.58 -9.78 13.65
C ASN A 66 -1.00 -8.35 13.60
N VAL A 67 0.32 -8.27 13.56
CA VAL A 67 1.08 -6.99 13.65
C VAL A 67 2.12 -6.88 12.51
N LYS A 68 2.17 -5.70 11.88
CA LYS A 68 3.14 -5.38 10.82
C LYS A 68 4.57 -5.85 11.17
N ASN A 69 5.21 -6.52 10.21
CA ASN A 69 6.58 -7.03 10.36
CA ASN A 69 6.56 -7.04 10.32
C ASN A 69 6.73 -7.97 11.53
N GLY A 70 5.64 -8.51 12.05
CA GLY A 70 5.76 -9.33 13.26
C GLY A 70 6.32 -8.59 14.47
N ASP A 71 6.15 -7.27 14.51
CA ASP A 71 6.64 -6.50 15.66
C ASP A 71 5.87 -6.86 16.93
N THR A 72 6.52 -6.82 18.08
CA THR A 72 5.86 -6.96 19.37
C THR A 72 6.27 -5.86 20.36
N GLY A 73 5.67 -5.88 21.55
CA GLY A 73 6.11 -5.01 22.61
C GLY A 73 7.19 -5.58 23.52
N ASP A 74 7.90 -6.61 23.08
CA ASP A 74 8.92 -7.26 23.93
C ASP A 74 9.98 -6.27 24.38
N VAL A 75 10.41 -5.39 23.48
CA VAL A 75 11.45 -4.42 23.86
C VAL A 75 10.95 -2.99 23.83
N ALA A 76 10.27 -2.63 22.76
CA ALA A 76 9.73 -1.27 22.59
C ALA A 76 10.84 -0.20 22.78
N CYS A 77 10.55 0.82 23.57
CA CYS A 77 11.51 1.88 23.95
C CYS A 77 12.40 1.50 25.14
N ASP A 78 12.28 0.25 25.62
CA ASP A 78 12.90 -0.21 26.87
C ASP A 78 12.71 0.78 28.04
N HIS A 79 11.57 1.45 28.09
CA HIS A 79 11.28 2.41 29.14
C HIS A 79 11.28 1.77 30.53
N TYR A 80 11.03 0.47 30.55
CA TYR A 80 11.06 -0.29 31.80
C TYR A 80 12.42 -0.19 32.50
N ASN A 81 13.50 -0.04 31.70
CA ASN A 81 14.83 0.24 32.26
C ASN A 81 15.27 1.70 32.15
N ARG A 82 14.76 2.41 31.15
CA ARG A 82 15.21 3.78 30.84
C ARG A 82 14.26 4.89 31.33
N TRP A 83 13.32 4.52 32.19
CA TRP A 83 12.31 5.43 32.71
C TRP A 83 12.89 6.74 33.31
N LYS A 84 14.00 6.66 34.03
CA LYS A 84 14.60 7.88 34.64
C LYS A 84 15.12 8.86 33.58
N GLU A 85 15.86 8.36 32.58
CA GLU A 85 16.29 9.23 31.49
CA GLU A 85 16.29 9.19 31.43
C GLU A 85 15.09 9.88 30.78
N ASP A 86 14.06 9.09 30.44
CA ASP A 86 12.87 9.65 29.76
C ASP A 86 12.18 10.76 30.56
N ILE A 87 12.09 10.56 31.86
CA ILE A 87 11.49 11.57 32.73
C ILE A 87 12.39 12.84 32.77
N GLU A 88 13.68 12.63 32.92
CA GLU A 88 14.66 13.74 32.84
C GLU A 88 14.52 14.50 31.53
N ILE A 89 14.16 13.81 30.44
CA ILE A 89 13.79 14.51 29.18
C ILE A 89 12.57 15.40 29.34
N ILE A 90 11.53 14.90 30.03
CA ILE A 90 10.29 15.67 30.28
C ILE A 90 10.64 16.96 31.05
N GLU A 91 11.32 16.78 32.18
CA GLU A 91 11.87 17.86 33.04
C GLU A 91 12.62 18.92 32.22
N LYS A 92 13.71 18.48 31.59
CA LYS A 92 14.55 19.31 30.69
C LYS A 92 13.71 20.08 29.66
N LEU A 93 12.63 19.47 29.18
CA LEU A 93 11.78 20.17 28.22
C LEU A 93 10.82 21.16 28.91
N GLY A 94 10.72 21.09 30.24
CA GLY A 94 9.81 21.98 30.98
C GLY A 94 8.32 21.65 30.86
N VAL A 95 8.03 20.46 30.32
CA VAL A 95 6.66 19.93 30.22
C VAL A 95 6.15 19.68 31.64
N LYS A 96 4.92 20.08 31.88
CA LYS A 96 4.40 20.24 33.21
C LYS A 96 3.60 19.04 33.71
N ALA A 97 3.07 18.25 32.76
CA ALA A 97 2.23 17.08 33.07
C ALA A 97 2.65 15.85 32.24
N TYR A 98 2.63 14.68 32.87
CA TYR A 98 2.89 13.44 32.13
C TYR A 98 1.71 12.49 32.27
N ARG A 99 1.12 12.15 31.13
CA ARG A 99 0.08 11.13 31.09
C ARG A 99 0.72 9.76 30.73
N PHE A 100 0.62 8.79 31.61
CA PHE A 100 1.14 7.46 31.34
C PHE A 100 0.14 6.42 31.83
N SER A 101 0.28 5.18 31.37
CA SER A 101 -0.64 4.15 31.81
C SER A 101 0.05 3.08 32.61
N ILE A 102 -0.79 2.34 33.32
CA ILE A 102 -0.35 1.27 34.20
C ILE A 102 -0.77 -0.04 33.58
N SER A 103 0.19 -0.96 33.52
CA SER A 103 -0.05 -2.31 33.06
C SER A 103 -0.76 -3.12 34.13
N TRP A 104 -2.06 -3.33 33.93
CA TRP A 104 -2.86 -4.16 34.81
C TRP A 104 -2.15 -5.49 35.21
N PRO A 105 -1.67 -6.26 34.24
CA PRO A 105 -0.98 -7.54 34.63
C PRO A 105 0.40 -7.41 35.33
N ARG A 106 1.05 -6.23 35.34
CA ARG A 106 2.20 -6.05 36.31
C ARG A 106 1.74 -5.95 37.76
N ILE A 107 0.54 -5.46 37.95
CA ILE A 107 0.00 -5.21 39.28
C ILE A 107 -0.70 -6.46 39.80
N LEU A 108 -1.59 -7.05 39.00
CA LEU A 108 -2.29 -8.26 39.38
C LEU A 108 -2.03 -9.27 38.23
N PRO A 109 -0.99 -10.11 38.32
CA PRO A 109 -0.63 -11.04 37.26
C PRO A 109 -1.74 -11.93 36.71
N GLU A 110 -2.68 -12.33 37.56
CA GLU A 110 -3.86 -13.08 37.10
C GLU A 110 -5.09 -12.20 36.96
N GLY A 111 -4.91 -10.89 37.02
CA GLY A 111 -6.02 -9.96 36.84
C GLY A 111 -6.74 -9.62 38.13
N THR A 112 -7.02 -10.62 38.95
CA THR A 112 -7.62 -10.39 40.29
C THR A 112 -6.83 -11.17 41.35
N GLY A 113 -7.10 -10.90 42.62
CA GLY A 113 -6.39 -11.63 43.72
C GLY A 113 -4.97 -11.09 43.97
N ARG A 114 -3.97 -11.87 43.60
CA ARG A 114 -2.59 -11.55 44.00
C ARG A 114 -2.08 -10.21 43.42
N VAL A 115 -1.48 -9.42 44.29
CA VAL A 115 -0.89 -8.13 43.93
C VAL A 115 0.64 -8.26 43.96
N ASN A 116 1.26 -7.89 42.84
CA ASN A 116 2.70 -8.01 42.60
C ASN A 116 3.46 -6.74 43.09
N GLN A 117 4.22 -6.85 44.20
CA GLN A 117 4.81 -5.63 44.80
C GLN A 117 5.83 -4.97 43.86
N LYS A 118 6.52 -5.78 43.07
CA LYS A 118 7.49 -5.26 42.11
C LYS A 118 6.87 -4.44 40.97
N GLY A 119 5.61 -4.76 40.63
CA GLY A 119 4.88 -3.99 39.64
C GLY A 119 4.55 -2.64 40.22
N LEU A 120 4.08 -2.65 41.46
CA LEU A 120 3.80 -1.44 42.22
C LEU A 120 5.06 -0.56 42.35
N ASP A 121 6.20 -1.19 42.70
CA ASP A 121 7.49 -0.50 42.86
C ASP A 121 7.92 0.23 41.56
N PHE A 122 7.82 -0.45 40.41
CA PHE A 122 7.99 0.21 39.10
C PHE A 122 7.29 1.57 38.97
N TYR A 123 5.98 1.60 39.12
CA TYR A 123 5.22 2.85 39.00
C TYR A 123 5.43 3.84 40.17
N ASN A 124 5.57 3.32 41.39
CA ASN A 124 5.95 4.17 42.54
C ASN A 124 7.20 5.04 42.28
N ARG A 125 8.25 4.41 41.76
CA ARG A 125 9.50 5.11 41.42
C ARG A 125 9.27 6.18 40.38
N ILE A 126 8.45 5.88 39.35
CA ILE A 126 8.10 6.85 38.35
C ILE A 126 7.30 8.01 38.99
N ILE A 127 6.32 7.67 39.82
CA ILE A 127 5.43 8.70 40.43
C ILE A 127 6.28 9.66 41.29
N ASP A 128 7.13 9.10 42.13
CA ASP A 128 7.91 9.90 43.09
C ASP A 128 8.88 10.84 42.38
N THR A 129 9.50 10.34 41.32
CA THR A 129 10.43 11.10 40.51
C THR A 129 9.75 12.27 39.82
N LEU A 130 8.58 12.02 39.24
CA LEU A 130 7.74 13.07 38.67
C LEU A 130 7.48 14.20 39.68
N LEU A 131 6.96 13.83 40.86
CA LEU A 131 6.63 14.80 41.91
C LEU A 131 7.84 15.60 42.38
N GLU A 132 8.95 14.90 42.63
CA GLU A 132 10.22 15.54 43.00
CA GLU A 132 10.21 15.54 43.00
C GLU A 132 10.62 16.57 41.96
N LYS A 133 10.33 16.28 40.70
CA LYS A 133 10.69 17.21 39.61
C LYS A 133 9.58 18.19 39.26
N GLY A 134 8.51 18.23 40.05
CA GLY A 134 7.39 19.13 39.76
C GLY A 134 6.55 18.83 38.51
N ILE A 135 6.53 17.57 38.07
CA ILE A 135 5.65 17.17 36.96
C ILE A 135 4.39 16.47 37.51
N THR A 136 3.23 16.85 36.96
CA THR A 136 1.94 16.33 37.42
C THR A 136 1.55 15.02 36.73
N PRO A 137 1.42 13.93 37.53
CA PRO A 137 1.06 12.60 36.97
C PRO A 137 -0.40 12.52 36.60
N PHE A 138 -0.70 12.20 35.34
CA PHE A 138 -2.04 11.79 34.91
C PHE A 138 -2.01 10.29 34.58
N VAL A 139 -2.69 9.49 35.39
CA VAL A 139 -2.61 8.04 35.27
C VAL A 139 -3.83 7.47 34.54
N THR A 140 -3.57 6.83 33.40
CA THR A 140 -4.59 6.04 32.68
C THR A 140 -4.54 4.66 33.28
N ILE A 141 -5.64 4.26 33.88
CA ILE A 141 -5.71 2.94 34.52
C ILE A 141 -5.69 1.79 33.48
N TYR A 142 -6.41 2.00 32.40
CA TYR A 142 -6.51 1.02 31.34
C TYR A 142 -6.25 1.58 29.96
N HIS A 143 -5.10 1.20 29.41
CA HIS A 143 -4.79 1.60 28.03
C HIS A 143 -4.47 0.34 27.24
N TRP A 144 -5.41 -0.64 27.32
CA TRP A 144 -5.55 -1.73 26.34
C TRP A 144 -4.83 -3.05 26.67
N ASP A 145 -3.91 -3.05 27.64
CA ASP A 145 -3.22 -4.29 27.98
C ASP A 145 -3.91 -5.13 29.10
N LEU A 146 -5.08 -5.68 28.77
CA LEU A 146 -5.82 -6.56 29.68
C LEU A 146 -4.97 -7.76 30.08
N PRO A 147 -5.02 -8.18 31.35
CA PRO A 147 -4.36 -9.43 31.70
C PRO A 147 -4.94 -10.55 30.84
N PHE A 148 -4.06 -11.31 30.20
CA PHE A 148 -4.47 -12.52 29.50
C PHE A 148 -5.35 -13.44 30.33
N ALA A 149 -5.05 -13.58 31.62
CA ALA A 149 -5.83 -14.49 32.47
C ALA A 149 -7.31 -14.15 32.46
N LEU A 150 -7.65 -12.86 32.38
CA LEU A 150 -9.03 -12.44 32.37
C LEU A 150 -9.66 -12.62 31.00
N GLN A 151 -8.85 -12.50 29.94
CA GLN A 151 -9.35 -12.74 28.59
C GLN A 151 -9.81 -14.19 28.48
N LEU A 152 -9.09 -15.10 29.12
CA LEU A 152 -9.52 -16.52 29.17
C LEU A 152 -10.91 -16.68 29.77
N LYS A 153 -11.31 -15.73 30.62
CA LYS A 153 -12.64 -15.74 31.26
CA LYS A 153 -12.65 -15.77 31.24
C LYS A 153 -13.62 -14.82 30.54
N GLY A 154 -13.30 -14.47 29.30
CA GLY A 154 -14.15 -13.61 28.46
C GLY A 154 -13.75 -12.14 28.32
N GLY A 155 -12.82 -11.65 29.14
CA GLY A 155 -12.42 -10.23 29.07
C GLY A 155 -13.61 -9.30 29.18
N TRP A 156 -13.66 -8.33 28.26
CA TRP A 156 -14.66 -7.27 28.30
C TRP A 156 -16.06 -7.76 27.98
N ALA A 157 -16.16 -8.98 27.45
CA ALA A 157 -17.46 -9.64 27.17
C ALA A 157 -18.18 -10.13 28.42
N ASN A 158 -17.43 -10.31 29.51
CA ASN A 158 -17.94 -10.89 30.73
C ASN A 158 -18.40 -9.79 31.70
N ARG A 159 -19.68 -9.79 32.08
CA ARG A 159 -20.21 -8.80 33.04
C ARG A 159 -19.36 -8.65 34.29
N GLU A 160 -18.76 -9.76 34.72
CA GLU A 160 -17.89 -9.81 35.89
C GLU A 160 -16.67 -8.89 35.79
N ILE A 161 -16.31 -8.43 34.60
CA ILE A 161 -15.25 -7.46 34.48
C ILE A 161 -15.50 -6.13 35.27
N ALA A 162 -16.77 -5.78 35.47
CA ALA A 162 -17.12 -4.60 36.29
C ALA A 162 -16.51 -4.74 37.69
N ASP A 163 -16.65 -5.92 38.31
CA ASP A 163 -15.93 -6.28 39.56
C ASP A 163 -14.42 -6.38 39.46
N TRP A 164 -13.91 -7.08 38.42
CA TRP A 164 -12.45 -7.25 38.27
C TRP A 164 -11.78 -5.88 38.16
N PHE A 165 -12.36 -5.00 37.35
CA PHE A 165 -11.83 -3.65 37.11
C PHE A 165 -11.86 -2.77 38.38
N ALA A 166 -12.93 -2.93 39.16
CA ALA A 166 -13.13 -2.20 40.39
C ALA A 166 -12.06 -2.61 41.40
N GLU A 167 -11.82 -3.90 41.52
CA GLU A 167 -10.76 -4.40 42.43
C GLU A 167 -9.35 -3.92 42.03
N TYR A 168 -9.07 -3.94 40.73
CA TYR A 168 -7.81 -3.40 40.18
C TYR A 168 -7.68 -1.92 40.48
N SER A 169 -8.71 -1.14 40.10
CA SER A 169 -8.73 0.30 40.40
C SER A 169 -8.49 0.59 41.89
N ARG A 170 -9.19 -0.13 42.78
CA ARG A 170 -9.07 0.04 44.22
C ARG A 170 -7.63 -0.12 44.67
N VAL A 171 -6.93 -1.10 44.11
CA VAL A 171 -5.54 -1.33 44.44
C VAL A 171 -4.70 -0.11 44.07
N LEU A 172 -4.94 0.43 42.86
CA LEU A 172 -4.20 1.60 42.39
C LEU A 172 -4.46 2.80 43.30
N PHE A 173 -5.72 3.03 43.62
CA PHE A 173 -6.11 4.14 44.47
C PHE A 173 -5.42 4.02 45.84
N GLU A 174 -5.48 2.83 46.44
CA GLU A 174 -4.95 2.66 47.78
CA GLU A 174 -4.94 2.57 47.78
C GLU A 174 -3.43 2.76 47.81
N ASN A 175 -2.79 2.43 46.69
CA ASN A 175 -1.33 2.51 46.62
C ASN A 175 -0.79 3.85 46.17
N PHE A 176 -1.49 4.53 45.25
CA PHE A 176 -0.92 5.73 44.65
C PHE A 176 -1.74 6.97 44.88
N GLY A 177 -2.98 6.83 45.36
CA GLY A 177 -3.94 7.95 45.50
C GLY A 177 -3.47 9.04 46.45
N ASP A 178 -2.47 8.74 47.27
CA ASP A 178 -1.83 9.70 48.15
C ASP A 178 -0.98 10.69 47.37
N ARG A 179 -0.53 10.32 46.18
CA ARG A 179 0.34 11.18 45.38
C ARG A 179 -0.27 11.51 44.03
N VAL A 180 -0.82 10.51 43.36
CA VAL A 180 -1.51 10.74 42.08
C VAL A 180 -2.92 11.30 42.35
N LYS A 181 -3.24 12.46 41.79
CA LYS A 181 -4.58 13.04 42.03
C LYS A 181 -5.41 13.24 40.76
N ASN A 182 -4.91 12.77 39.63
CA ASN A 182 -5.57 12.92 38.35
C ASN A 182 -5.58 11.54 37.64
N TRP A 183 -6.76 11.00 37.41
CA TRP A 183 -6.94 9.57 37.08
C TRP A 183 -7.88 9.48 35.89
N ILE A 184 -7.56 8.59 34.95
CA ILE A 184 -8.42 8.27 33.81
C ILE A 184 -8.77 6.76 33.87
N THR A 185 -10.07 6.42 33.89
CA THR A 185 -10.46 4.99 33.99
C THR A 185 -10.04 4.24 32.72
N LEU A 186 -10.58 4.67 31.58
CA LEU A 186 -10.41 3.95 30.32
C LEU A 186 -9.89 4.89 29.25
N ASN A 187 -8.92 4.39 28.45
CA ASN A 187 -8.55 5.03 27.18
C ASN A 187 -9.36 4.44 26.06
N GLU A 188 -10.20 5.29 25.44
CA GLU A 188 -10.85 4.98 24.16
C GLU A 188 -11.60 3.65 24.18
N PRO A 189 -12.66 3.55 25.01
CA PRO A 189 -13.43 2.31 25.06
C PRO A 189 -14.13 1.94 23.73
N TRP A 190 -14.36 2.89 22.81
CA TRP A 190 -14.87 2.53 21.48
C TRP A 190 -13.88 1.63 20.74
N VAL A 191 -12.61 1.99 20.81
CA VAL A 191 -11.53 1.23 20.18
C VAL A 191 -11.46 -0.19 20.79
N VAL A 192 -11.47 -0.26 22.12
CA VAL A 192 -11.32 -1.49 22.87
C VAL A 192 -12.42 -2.46 22.44
N ALA A 193 -13.67 -1.98 22.42
CA ALA A 193 -14.82 -2.79 22.05
C ALA A 193 -14.82 -3.08 20.57
N ILE A 194 -14.87 -2.03 19.76
CA ILE A 194 -15.11 -2.20 18.32
C ILE A 194 -13.90 -2.71 17.57
N VAL A 195 -12.74 -2.09 17.80
CA VAL A 195 -11.53 -2.49 17.07
C VAL A 195 -10.99 -3.81 17.60
N GLY A 196 -11.15 -4.07 18.90
CA GLY A 196 -10.69 -5.34 19.49
C GLY A 196 -11.65 -6.51 19.24
N HIS A 197 -12.96 -6.25 19.17
CA HIS A 197 -13.97 -7.32 19.21
C HIS A 197 -14.92 -7.38 17.99
N LEU A 198 -14.91 -6.34 17.16
CA LEU A 198 -15.68 -6.33 15.90
C LEU A 198 -14.75 -6.41 14.73
N TYR A 199 -13.78 -5.49 14.67
CA TYR A 199 -12.85 -5.43 13.51
C TYR A 199 -11.77 -6.51 13.63
N GLY A 200 -11.46 -6.93 14.85
CA GLY A 200 -10.44 -7.97 15.05
C GLY A 200 -9.03 -7.50 14.78
N VAL A 201 -8.84 -6.18 14.70
CA VAL A 201 -7.56 -5.58 14.33
C VAL A 201 -6.62 -5.35 15.53
N HIS A 202 -7.24 -5.29 16.71
CA HIS A 202 -6.52 -5.12 17.97
C HIS A 202 -6.87 -6.32 18.84
N ALA A 203 -6.04 -6.59 19.84
CA ALA A 203 -6.34 -7.61 20.83
C ALA A 203 -7.75 -7.37 21.44
N PRO A 204 -8.50 -8.44 21.79
CA PRO A 204 -8.12 -9.84 21.64
C PRO A 204 -8.35 -10.41 20.23
N GLY A 205 -8.63 -9.55 19.26
CA GLY A 205 -8.69 -9.99 17.87
C GLY A 205 -9.95 -10.70 17.47
N MET A 206 -11.10 -10.24 17.93
CA MET A 206 -12.35 -10.95 17.68
C MET A 206 -13.21 -10.23 16.62
N ARG A 207 -14.16 -10.93 16.03
CA ARG A 207 -15.07 -10.33 15.01
C ARG A 207 -16.45 -10.82 15.24
N ASP A 208 -17.10 -10.22 16.24
CA ASP A 208 -18.43 -10.59 16.61
C ASP A 208 -19.13 -9.32 17.10
N ILE A 209 -20.18 -8.88 16.36
CA ILE A 209 -20.86 -7.61 16.68
C ILE A 209 -21.59 -7.63 18.02
N TYR A 210 -22.13 -8.79 18.40
CA TYR A 210 -22.80 -8.98 19.68
C TYR A 210 -21.81 -8.92 20.86
N VAL A 211 -20.67 -9.58 20.69
CA VAL A 211 -19.59 -9.41 21.68
C VAL A 211 -19.14 -7.92 21.81
N ALA A 212 -18.97 -7.26 20.67
CA ALA A 212 -18.44 -5.91 20.62
C ALA A 212 -19.31 -4.93 21.41
N PHE A 213 -20.64 -5.07 21.32
CA PHE A 213 -21.55 -4.19 22.07
C PHE A 213 -21.77 -4.62 23.49
N ARG A 214 -21.60 -5.90 23.76
CA ARG A 214 -21.52 -6.30 25.17
C ARG A 214 -20.25 -5.74 25.83
N ALA A 215 -19.16 -5.60 25.06
CA ALA A 215 -17.94 -4.93 25.56
C ALA A 215 -18.12 -3.40 25.81
N VAL A 216 -18.75 -2.70 24.86
CA VAL A 216 -19.18 -1.30 25.05
C VAL A 216 -19.85 -1.12 26.41
N HIS A 217 -20.88 -1.92 26.64
CA HIS A 217 -21.72 -1.83 27.85
C HIS A 217 -20.96 -2.16 29.12
N ASN A 218 -20.18 -3.21 29.06
CA ASN A 218 -19.38 -3.61 30.23
C ASN A 218 -18.28 -2.60 30.59
N LEU A 219 -17.73 -1.95 29.58
CA LEU A 219 -16.74 -0.90 29.76
C LEU A 219 -17.32 0.30 30.52
N LEU A 220 -18.55 0.69 30.19
CA LEU A 220 -19.33 1.69 30.94
C LEU A 220 -19.54 1.30 32.39
N ARG A 221 -19.96 0.05 32.62
CA ARG A 221 -20.22 -0.40 33.98
C ARG A 221 -18.94 -0.55 34.76
N ALA A 222 -17.87 -1.03 34.13
CA ALA A 222 -16.59 -1.10 34.81
C ALA A 222 -16.08 0.33 35.12
N HIS A 223 -16.13 1.25 34.16
CA HIS A 223 -15.74 2.68 34.45
C HIS A 223 -16.50 3.25 35.66
N ALA A 224 -17.83 3.10 35.64
CA ALA A 224 -18.67 3.61 36.72
C ALA A 224 -18.35 2.93 38.06
N ARG A 225 -18.14 1.62 38.11
CA ARG A 225 -17.71 0.95 39.36
CA ARG A 225 -17.73 0.97 39.38
C ARG A 225 -16.39 1.50 39.89
N ALA A 226 -15.43 1.74 38.99
CA ALA A 226 -14.17 2.38 39.39
C ALA A 226 -14.35 3.82 39.94
N VAL A 227 -15.11 4.67 39.27
CA VAL A 227 -15.42 6.00 39.83
C VAL A 227 -16.02 5.85 41.27
N LYS A 228 -16.92 4.90 41.47
CA LYS A 228 -17.57 4.65 42.78
C LYS A 228 -16.57 4.28 43.87
N VAL A 229 -15.68 3.34 43.58
CA VAL A 229 -14.58 3.03 44.49
C VAL A 229 -13.65 4.25 44.75
N PHE A 230 -13.36 5.03 43.70
CA PHE A 230 -12.51 6.22 43.80
C PHE A 230 -13.03 7.23 44.86
N ARG A 231 -14.33 7.52 44.82
CA ARG A 231 -14.99 8.37 45.84
C ARG A 231 -14.83 7.89 47.29
N GLU A 232 -14.76 6.57 47.49
CA GLU A 232 -14.60 5.93 48.80
C GLU A 232 -13.15 5.84 49.23
N THR A 233 -12.22 6.02 48.31
CA THR A 233 -10.81 5.74 48.61
CA THR A 233 -10.80 5.72 48.53
C THR A 233 -9.91 6.96 48.53
N VAL A 234 -10.17 7.86 47.58
CA VAL A 234 -9.31 9.00 47.35
C VAL A 234 -10.19 10.24 47.44
N LYS A 235 -10.48 10.64 48.69
CA LYS A 235 -11.21 11.89 48.99
C LYS A 235 -10.72 13.22 48.37
N ASP A 236 -9.46 13.32 47.90
CA ASP A 236 -9.00 14.59 47.31
CA ASP A 236 -8.94 14.56 47.31
C ASP A 236 -8.77 14.62 45.80
N GLY A 237 -8.83 13.47 45.11
CA GLY A 237 -8.57 13.51 43.67
C GLY A 237 -9.69 13.85 42.69
N LYS A 238 -9.33 13.88 41.40
CA LYS A 238 -10.27 13.95 40.29
C LYS A 238 -10.10 12.75 39.30
N ILE A 239 -11.22 12.27 38.78
CA ILE A 239 -11.26 11.12 37.86
C ILE A 239 -12.10 11.38 36.62
N GLY A 240 -11.60 10.93 35.47
CA GLY A 240 -12.33 11.10 34.21
C GLY A 240 -12.19 9.88 33.32
N ILE A 241 -12.41 10.11 32.04
CA ILE A 241 -12.45 9.05 31.03
C ILE A 241 -12.10 9.68 29.69
N VAL A 242 -11.44 8.93 28.83
CA VAL A 242 -10.91 9.47 27.56
C VAL A 242 -11.59 8.85 26.37
N PHE A 243 -11.93 9.68 25.38
CA PHE A 243 -12.57 9.15 24.17
C PHE A 243 -11.80 9.56 22.92
N ASN A 244 -11.73 8.67 21.94
CA ASN A 244 -11.29 9.02 20.60
C ASN A 244 -12.38 9.81 19.85
N ASN A 245 -11.96 10.78 19.05
CA ASN A 245 -12.91 11.54 18.24
C ASN A 245 -12.39 11.87 16.86
N GLY A 246 -13.30 11.88 15.90
CA GLY A 246 -13.01 12.34 14.53
C GLY A 246 -13.89 13.53 14.17
N TYR A 247 -13.43 14.36 13.25
CA TYR A 247 -14.25 15.46 12.73
C TYR A 247 -14.89 14.97 11.45
N PHE A 248 -16.15 14.61 11.56
CA PHE A 248 -16.88 14.14 10.39
C PHE A 248 -17.62 15.33 9.69
N GLU A 249 -17.27 15.56 8.42
CA GLU A 249 -18.00 16.50 7.56
C GLU A 249 -18.79 15.71 6.49
N PRO A 250 -19.98 16.22 6.08
CA PRO A 250 -20.79 15.47 5.09
C PRO A 250 -20.31 15.70 3.64
N ALA A 251 -20.43 14.66 2.81
CA ALA A 251 -19.90 14.69 1.45
C ALA A 251 -20.66 15.65 0.52
N SER A 252 -21.84 16.08 0.98
CA SER A 252 -22.78 16.80 0.13
C SER A 252 -23.69 17.63 1.03
N GLU A 253 -24.76 18.13 0.43
CA GLU A 253 -25.80 18.85 1.13
C GLU A 253 -27.01 17.97 1.38
N LYS A 254 -27.02 16.75 0.86
CA LYS A 254 -28.18 15.84 1.08
C LYS A 254 -28.45 15.58 2.57
N GLU A 255 -29.73 15.38 2.88
CA GLU A 255 -30.18 14.95 4.21
C GLU A 255 -29.43 13.68 4.67
N GLU A 256 -29.14 12.77 3.71
CA GLU A 256 -28.65 11.42 4.02
C GLU A 256 -27.17 11.49 4.41
N ASP A 257 -26.42 12.36 3.75
CA ASP A 257 -25.04 12.63 4.10
C ASP A 257 -24.91 13.35 5.46
N ILE A 258 -25.89 14.18 5.80
CA ILE A 258 -25.86 14.93 7.05
C ILE A 258 -26.18 13.99 8.20
N ARG A 259 -27.11 13.07 7.97
CA ARG A 259 -27.52 12.07 8.95
C ARG A 259 -26.42 11.03 9.18
N ALA A 260 -25.64 10.79 8.13
CA ALA A 260 -24.56 9.83 8.17
C ALA A 260 -23.53 10.39 9.13
N VAL A 261 -23.42 11.70 9.13
CA VAL A 261 -22.47 12.40 9.97
C VAL A 261 -22.97 12.42 11.41
N ARG A 262 -24.29 12.44 11.55
CA ARG A 262 -24.95 12.43 12.84
C ARG A 262 -24.73 11.08 13.51
N PHE A 263 -24.87 10.01 12.73
CA PHE A 263 -24.54 8.66 13.19
C PHE A 263 -23.05 8.50 13.58
N MET A 264 -22.16 8.88 12.70
CA MET A 264 -20.74 8.74 12.95
C MET A 264 -20.29 9.44 14.23
N HIS A 265 -20.72 10.68 14.41
CA HIS A 265 -20.50 11.40 15.67
C HIS A 265 -21.02 10.63 16.90
N GLN A 266 -22.24 10.11 16.81
CA GLN A 266 -22.87 9.53 18.00
C GLN A 266 -22.27 8.18 18.36
N PHE A 267 -21.68 7.55 17.34
CA PHE A 267 -21.18 6.18 17.43
C PHE A 267 -19.68 6.17 17.65
N ASN A 268 -18.95 6.94 16.86
CA ASN A 268 -17.49 6.97 16.92
C ASN A 268 -16.92 7.95 17.94
N ASN A 269 -17.69 9.02 18.24
CA ASN A 269 -17.19 10.06 19.15
C ASN A 269 -17.76 9.90 20.55
N TYR A 270 -17.41 10.81 21.44
CA TYR A 270 -17.79 10.75 22.86
C TYR A 270 -19.29 10.49 23.23
N PRO A 271 -20.27 10.84 22.32
CA PRO A 271 -21.69 10.57 22.71
C PRO A 271 -22.04 9.12 23.05
N LEU A 272 -21.39 8.14 22.45
CA LEU A 272 -21.71 6.73 22.74
C LEU A 272 -21.58 6.41 24.22
N PHE A 273 -20.61 7.06 24.88
CA PHE A 273 -20.40 6.91 26.31
C PHE A 273 -20.95 8.05 27.16
N LEU A 274 -20.92 9.29 26.64
CA LEU A 274 -21.36 10.45 27.46
C LEU A 274 -22.88 10.59 27.58
N ASN A 275 -23.59 10.06 26.60
CA ASN A 275 -25.03 10.04 26.66
C ASN A 275 -25.50 9.09 27.77
N PRO A 276 -24.95 7.86 27.85
CA PRO A 276 -25.22 7.08 29.06
C PRO A 276 -24.83 7.74 30.37
N ILE A 277 -23.64 8.35 30.42
CA ILE A 277 -23.11 8.92 31.66
C ILE A 277 -23.95 10.12 32.16
N TYR A 278 -24.27 11.03 31.24
CA TYR A 278 -24.97 12.28 31.56
C TYR A 278 -26.50 12.18 31.45
N ARG A 279 -27.00 11.40 30.48
CA ARG A 279 -28.44 11.29 30.16
C ARG A 279 -29.08 9.90 30.42
N GLY A 280 -28.26 8.88 30.68
CA GLY A 280 -28.80 7.59 31.07
C GLY A 280 -29.32 6.71 29.95
N ASP A 281 -28.90 6.96 28.72
CA ASP A 281 -29.20 6.00 27.64
C ASP A 281 -28.19 6.21 26.55
N TYR A 282 -28.09 5.27 25.63
CA TYR A 282 -27.27 5.41 24.44
C TYR A 282 -27.86 6.46 23.51
N PRO A 283 -27.04 7.07 22.63
CA PRO A 283 -27.60 7.99 21.63
C PRO A 283 -28.56 7.30 20.64
N GLU A 284 -29.54 8.05 20.12
CA GLU A 284 -30.65 7.45 19.37
C GLU A 284 -30.21 6.76 18.08
N LEU A 285 -29.27 7.36 17.34
CA LEU A 285 -28.81 6.71 16.11
C LEU A 285 -27.97 5.44 16.38
N VAL A 286 -27.39 5.34 17.59
CA VAL A 286 -26.73 4.11 18.05
C VAL A 286 -27.77 3.04 18.35
N LEU A 287 -28.83 3.38 19.06
CA LEU A 287 -29.91 2.40 19.26
C LEU A 287 -30.59 1.94 17.96
N GLU A 288 -30.75 2.84 16.99
CA GLU A 288 -31.32 2.42 15.69
CA GLU A 288 -31.29 2.47 15.66
C GLU A 288 -30.44 1.38 14.98
N PHE A 289 -29.12 1.58 15.00
CA PHE A 289 -28.19 0.60 14.42
C PHE A 289 -27.99 -0.65 15.29
N ALA A 290 -27.97 -0.49 16.62
CA ALA A 290 -27.33 -1.54 17.45
C ALA A 290 -28.13 -2.15 18.58
N ARG A 291 -29.41 -1.78 18.72
CA ARG A 291 -30.19 -2.22 19.88
C ARG A 291 -30.25 -3.73 20.01
N GLU A 292 -30.39 -4.43 18.89
CA GLU A 292 -30.42 -5.91 18.87
C GLU A 292 -29.13 -6.52 19.42
N TYR A 293 -28.03 -5.77 19.38
CA TYR A 293 -26.71 -6.30 19.83
C TYR A 293 -26.40 -6.05 21.29
N LEU A 294 -27.09 -5.10 21.91
CA LEU A 294 -26.90 -4.81 23.34
C LEU A 294 -27.64 -5.82 24.18
N PRO A 295 -27.23 -6.01 25.48
CA PRO A 295 -28.05 -6.94 26.30
C PRO A 295 -29.53 -6.51 26.32
N GLU A 296 -30.47 -7.45 26.49
CA GLU A 296 -31.90 -7.06 26.46
C GLU A 296 -32.32 -6.05 27.54
N ASN A 297 -31.82 -6.25 28.75
CA ASN A 297 -32.15 -5.38 29.88
C ASN A 297 -30.98 -4.41 30.23
N TYR A 298 -30.30 -3.92 29.21
CA TYR A 298 -29.15 -3.05 29.38
C TYR A 298 -29.50 -1.77 30.19
N LYS A 299 -30.76 -1.33 30.09
CA LYS A 299 -31.24 -0.12 30.77
C LYS A 299 -31.18 -0.26 32.30
N ASP A 300 -31.24 -1.49 32.80
CA ASP A 300 -31.13 -1.71 34.25
C ASP A 300 -29.81 -1.21 34.85
N ASP A 301 -28.78 -1.09 34.00
CA ASP A 301 -27.45 -0.70 34.47
C ASP A 301 -27.26 0.81 34.33
N MET A 302 -28.20 1.50 33.69
CA MET A 302 -27.95 2.90 33.35
C MET A 302 -27.83 3.83 34.55
N SER A 303 -28.60 3.59 35.61
CA SER A 303 -28.53 4.54 36.70
C SER A 303 -27.16 4.43 37.39
N GLU A 304 -26.61 3.23 37.47
CA GLU A 304 -25.27 3.07 38.09
C GLU A 304 -24.18 3.69 37.21
N ILE A 305 -24.39 3.61 35.91
CA ILE A 305 -23.50 4.16 34.89
C ILE A 305 -23.39 5.68 34.96
N GLN A 306 -24.43 6.31 35.48
CA GLN A 306 -24.45 7.79 35.61
C GLN A 306 -23.60 8.39 36.73
N GLU A 307 -22.78 7.56 37.37
CA GLU A 307 -21.80 7.98 38.39
C GLU A 307 -21.05 9.25 37.95
N LYS A 308 -21.01 10.25 38.84
CA LYS A 308 -20.49 11.59 38.47
C LYS A 308 -18.99 11.52 38.23
N ILE A 309 -18.58 12.08 37.11
CA ILE A 309 -17.19 12.22 36.73
C ILE A 309 -16.77 13.68 36.83
N ASP A 310 -15.46 13.88 37.02
CA ASP A 310 -14.85 15.21 37.18
C ASP A 310 -14.35 15.84 35.89
N PHE A 311 -13.94 15.02 34.90
CA PHE A 311 -13.50 15.58 33.61
C PHE A 311 -13.69 14.63 32.42
N VAL A 312 -13.71 15.21 31.23
CA VAL A 312 -13.72 14.47 29.98
C VAL A 312 -12.40 14.72 29.28
N GLY A 313 -11.72 13.65 28.91
CA GLY A 313 -10.52 13.74 28.09
C GLY A 313 -10.96 13.42 26.67
N LEU A 314 -10.55 14.24 25.71
CA LEU A 314 -10.86 13.97 24.33
C LEU A 314 -9.54 13.83 23.60
N ASN A 315 -9.40 12.73 22.87
CA ASN A 315 -8.31 12.57 21.92
C ASN A 315 -8.79 13.01 20.54
N TYR A 316 -7.93 13.68 19.78
CA TYR A 316 -8.30 14.14 18.44
C TYR A 316 -7.09 14.18 17.50
N TYR A 317 -7.27 13.71 16.26
CA TYR A 317 -6.18 13.55 15.31
C TYR A 317 -6.49 13.96 13.90
N SER A 318 -7.71 13.63 13.45
CA SER A 318 -8.05 13.68 12.02
C SER A 318 -9.55 13.91 11.74
N GLY A 319 -9.85 14.29 10.50
CA GLY A 319 -11.22 14.36 10.04
C GLY A 319 -11.52 13.39 8.91
N HIS A 320 -12.79 13.26 8.58
CA HIS A 320 -13.24 12.39 7.51
C HIS A 320 -14.43 13.03 6.80
N LEU A 321 -14.39 12.94 5.47
CA LEU A 321 -15.56 13.20 4.65
C LEU A 321 -16.38 11.93 4.58
N VAL A 322 -17.70 12.07 4.74
CA VAL A 322 -18.58 10.93 4.97
C VAL A 322 -19.82 11.02 4.10
N LYS A 323 -20.25 9.89 3.56
CA LYS A 323 -21.49 9.85 2.80
C LYS A 323 -22.29 8.63 3.19
N PHE A 324 -23.61 8.76 3.14
CA PHE A 324 -24.46 7.59 3.16
C PHE A 324 -24.05 6.67 2.02
N ASP A 325 -24.16 5.38 2.27
CA ASP A 325 -23.76 4.34 1.32
C ASP A 325 -24.55 3.09 1.64
N PRO A 326 -25.44 2.66 0.72
CA PRO A 326 -26.25 1.45 0.97
C PRO A 326 -25.40 0.18 0.98
N ALA A 330 -23.16 -1.02 8.09
CA ALA A 330 -22.80 0.35 8.48
C ALA A 330 -23.72 1.45 7.89
N LYS A 331 -23.83 1.44 6.55
CA LYS A 331 -24.53 2.47 5.74
C LYS A 331 -23.73 3.77 5.62
N VAL A 332 -22.43 3.68 5.87
CA VAL A 332 -21.55 4.84 5.79
C VAL A 332 -20.28 4.41 5.10
N SER A 333 -19.74 5.28 4.26
CA SER A 333 -18.40 5.08 3.73
C SER A 333 -17.67 6.39 3.83
N PHE A 334 -16.35 6.34 3.73
CA PHE A 334 -15.53 7.56 3.73
C PHE A 334 -15.22 7.99 2.31
N VAL A 335 -15.00 9.29 2.13
CA VAL A 335 -14.65 9.82 0.82
C VAL A 335 -13.24 10.39 0.93
N GLU A 336 -12.37 9.89 0.06
CA GLU A 336 -11.04 10.44 -0.08
C GLU A 336 -11.15 11.93 -0.41
N ARG A 337 -10.32 12.72 0.27
CA ARG A 337 -10.19 14.13 -0.04
C ARG A 337 -8.73 14.33 -0.38
N ASP A 338 -8.41 15.37 -1.13
CA ASP A 338 -7.01 15.66 -1.38
C ASP A 338 -6.34 15.86 -0.02
N LEU A 339 -6.34 17.10 0.48
CA LEU A 339 -5.86 17.42 1.84
C LEU A 339 -4.53 16.77 2.29
N PRO A 340 -3.63 17.56 2.89
CA PRO A 340 -2.46 16.89 3.48
C PRO A 340 -2.87 15.79 4.47
N LYS A 341 -2.15 14.67 4.39
CA LYS A 341 -2.34 13.50 5.25
C LYS A 341 -1.04 13.26 6.01
N THR A 342 -1.12 12.55 7.13
CA THR A 342 0.07 12.15 7.88
C THR A 342 0.55 10.83 7.29
N ALA A 343 1.65 10.29 7.82
CA ALA A 343 2.12 8.96 7.42
C ALA A 343 1.09 7.85 7.67
N MET A 344 0.11 8.10 8.55
CA MET A 344 -0.98 7.13 8.77
C MET A 344 -2.01 7.16 7.64
N GLY A 345 -1.92 8.17 6.78
CA GLY A 345 -2.94 8.43 5.78
C GLY A 345 -4.13 9.17 6.35
N TRP A 346 -3.93 9.84 7.49
CA TRP A 346 -5.00 10.56 8.18
C TRP A 346 -5.01 12.02 7.70
N GLU A 347 -6.16 12.50 7.25
CA GLU A 347 -6.27 13.89 6.80
C GLU A 347 -6.09 14.86 7.96
N ILE A 348 -5.26 15.87 7.76
CA ILE A 348 -4.96 16.91 8.74
C ILE A 348 -6.04 17.98 8.69
N VAL A 349 -6.89 18.05 9.72
CA VAL A 349 -8.01 18.99 9.73
C VAL A 349 -8.06 19.76 11.05
N PRO A 350 -7.22 20.79 11.17
CA PRO A 350 -7.04 21.34 12.52
C PRO A 350 -8.31 21.92 13.15
N GLU A 351 -9.23 22.41 12.31
CA GLU A 351 -10.47 23.01 12.81
C GLU A 351 -11.35 21.98 13.51
N GLY A 352 -11.05 20.70 13.33
CA GLY A 352 -11.72 19.62 14.03
C GLY A 352 -11.58 19.66 15.54
N ILE A 353 -10.41 20.00 16.03
CA ILE A 353 -10.16 20.03 17.46
C ILE A 353 -10.99 21.14 18.16
N TYR A 354 -11.12 22.29 17.48
CA TYR A 354 -12.03 23.36 17.92
C TYR A 354 -13.50 22.90 17.94
N TRP A 355 -13.93 22.26 16.84
CA TRP A 355 -15.27 21.74 16.71
C TRP A 355 -15.68 20.74 17.80
N ILE A 356 -14.85 19.73 18.05
CA ILE A 356 -15.17 18.70 19.04
C ILE A 356 -15.17 19.31 20.46
N LEU A 357 -14.34 20.33 20.67
CA LEU A 357 -14.34 21.00 21.96
C LEU A 357 -15.61 21.81 22.19
N LYS A 358 -16.06 22.51 21.15
CA LYS A 358 -17.32 23.28 21.15
C LYS A 358 -18.49 22.35 21.34
N LYS A 359 -18.44 21.23 20.61
CA LYS A 359 -19.57 20.31 20.59
C LYS A 359 -19.72 19.59 21.95
N VAL A 360 -18.61 19.25 22.60
CA VAL A 360 -18.74 18.61 23.90
C VAL A 360 -19.38 19.53 24.94
N LYS A 361 -19.01 20.83 24.92
CA LYS A 361 -19.62 21.80 25.83
C LYS A 361 -21.10 21.91 25.53
N GLU A 362 -21.42 22.10 24.25
CA GLU A 362 -22.81 22.27 23.79
C GLU A 362 -23.68 21.07 24.18
N GLU A 363 -23.17 19.85 24.01
CA GLU A 363 -24.01 18.67 24.22
C GLU A 363 -24.11 18.20 25.66
N TYR A 364 -23.01 18.30 26.41
CA TYR A 364 -22.94 17.71 27.75
C TYR A 364 -22.40 18.68 28.82
N ASN A 365 -21.74 19.74 28.39
CA ASN A 365 -21.20 20.73 29.32
C ASN A 365 -20.47 20.15 30.52
N PRO A 366 -19.43 19.31 30.29
CA PRO A 366 -18.73 18.75 31.43
C PRO A 366 -17.98 19.88 32.14
N PRO A 367 -17.79 19.76 33.46
CA PRO A 367 -17.15 20.87 34.16
C PRO A 367 -15.69 21.11 33.73
N GLU A 368 -14.99 20.07 33.26
CA GLU A 368 -13.61 20.19 32.77
C GLU A 368 -13.38 19.29 31.56
N VAL A 369 -12.63 19.79 30.58
CA VAL A 369 -12.15 18.98 29.46
C VAL A 369 -10.61 19.05 29.42
N TYR A 370 -9.99 17.96 28.94
CA TYR A 370 -8.58 17.94 28.57
C TYR A 370 -8.48 17.38 27.16
N ILE A 371 -7.59 17.91 26.34
CA ILE A 371 -7.11 17.18 25.14
C ILE A 371 -6.04 16.24 25.67
N THR A 372 -6.40 14.96 25.77
CA THR A 372 -5.54 13.95 26.38
C THR A 372 -4.57 13.30 25.38
N GLU A 373 -4.79 13.59 24.09
CA GLU A 373 -3.88 13.20 23.00
C GLU A 373 -4.16 14.05 21.78
N ASN A 374 -3.07 14.52 21.17
CA ASN A 374 -3.07 15.14 19.82
C ASN A 374 -1.64 15.00 19.30
N GLY A 375 -1.50 14.57 18.06
CA GLY A 375 -0.18 14.37 17.47
C GLY A 375 -0.26 13.86 16.06
N ALA A 376 0.90 13.55 15.50
CA ALA A 376 1.00 13.08 14.11
C ALA A 376 2.17 12.13 13.85
N ALA A 377 1.94 11.18 12.95
CA ALA A 377 3.02 10.34 12.48
C ALA A 377 3.54 10.89 11.15
N PHE A 378 4.86 11.13 11.09
CA PHE A 378 5.54 11.49 9.84
C PHE A 378 6.79 10.63 9.71
N ASP A 379 7.33 10.56 8.48
CA ASP A 379 8.50 9.74 8.19
C ASP A 379 9.74 10.51 8.61
N ASP A 380 10.00 10.51 9.90
CA ASP A 380 11.15 11.17 10.50
C ASP A 380 12.48 10.53 10.15
N VAL A 381 13.41 11.39 9.77
CA VAL A 381 14.80 11.00 9.50
C VAL A 381 15.76 11.88 10.30
N VAL A 382 16.82 11.25 10.81
CA VAL A 382 17.91 11.98 11.41
C VAL A 382 18.83 12.48 10.30
N SER A 383 18.90 13.81 10.15
CA SER A 383 19.76 14.43 9.14
CA SER A 383 19.76 14.45 9.15
C SER A 383 21.24 14.28 9.52
N GLU A 384 22.12 14.62 8.57
CA GLU A 384 23.57 14.58 8.78
C GLU A 384 23.94 15.39 10.04
N ASP A 385 23.10 16.38 10.31
CA ASP A 385 22.92 17.19 11.56
C ASP A 385 23.31 16.81 13.00
N GLY A 386 23.04 15.63 13.55
CA GLY A 386 21.87 14.84 13.36
C GLY A 386 20.74 15.33 14.26
N ARG A 387 19.89 16.15 13.65
CA ARG A 387 18.68 16.67 14.20
C ARG A 387 17.52 16.05 13.42
N VAL A 388 16.31 16.13 13.96
CA VAL A 388 15.14 15.64 13.23
C VAL A 388 14.27 16.84 12.89
N HIS A 389 14.28 17.19 11.61
CA HIS A 389 13.71 18.41 11.14
C HIS A 389 12.24 18.22 10.77
N ASP A 390 11.44 17.88 11.79
CA ASP A 390 10.03 17.59 11.57
C ASP A 390 9.16 18.83 11.56
N GLN A 391 9.36 19.66 10.55
CA GLN A 391 8.59 20.88 10.39
C GLN A 391 7.15 20.50 10.13
N ASN A 392 6.97 19.35 9.46
CA ASN A 392 5.65 18.75 9.26
CA ASN A 392 5.64 18.78 9.26
C ASN A 392 4.88 18.64 10.58
N ARG A 393 5.56 18.20 11.62
CA ARG A 393 4.91 17.96 12.91
C ARG A 393 4.76 19.25 13.70
N ILE A 394 5.72 20.17 13.53
CA ILE A 394 5.58 21.49 14.13
C ILE A 394 4.30 22.17 13.61
N ASP A 395 4.11 22.15 12.28
CA ASP A 395 2.96 22.81 11.65
C ASP A 395 1.66 22.20 12.13
N TYR A 396 1.66 20.88 12.27
CA TYR A 396 0.49 20.11 12.71
C TYR A 396 0.15 20.53 14.13
N LEU A 397 1.12 20.48 15.02
CA LEU A 397 0.88 20.81 16.41
C LEU A 397 0.43 22.27 16.59
N LYS A 398 1.18 23.21 15.99
CA LYS A 398 0.89 24.65 16.07
C LYS A 398 -0.54 24.93 15.68
N ALA A 399 -0.92 24.43 14.52
CA ALA A 399 -2.27 24.56 14.02
C ALA A 399 -3.35 24.13 15.01
N HIS A 400 -3.13 23.00 15.67
CA HIS A 400 -4.13 22.41 16.59
C HIS A 400 -4.14 23.15 17.93
N ILE A 401 -2.94 23.50 18.43
CA ILE A 401 -2.85 24.32 19.62
C ILE A 401 -3.62 25.64 19.43
N GLY A 402 -3.45 26.27 18.26
CA GLY A 402 -4.21 27.47 17.89
C GLY A 402 -5.73 27.37 17.97
N GLN A 403 -6.27 26.26 17.44
CA GLN A 403 -7.72 25.98 17.49
C GLN A 403 -8.22 25.68 18.91
N ALA A 404 -7.38 25.09 19.74
CA ALA A 404 -7.78 24.83 21.13
C ALA A 404 -7.79 26.15 21.95
N TRP A 405 -6.92 27.07 21.56
CA TRP A 405 -6.92 28.42 22.12
C TRP A 405 -8.27 29.07 21.84
N LYS A 406 -8.69 28.98 20.58
CA LYS A 406 -9.93 29.54 20.11
C LYS A 406 -11.09 29.11 21.00
N ALA A 407 -11.21 27.79 21.15
CA ALA A 407 -12.21 27.17 22.02
C ALA A 407 -12.19 27.71 23.45
N ILE A 408 -11.01 27.92 24.01
CA ILE A 408 -10.91 28.51 25.34
C ILE A 408 -11.46 29.96 25.34
N GLN A 409 -11.25 30.68 24.24
CA GLN A 409 -11.71 32.06 24.18
C GLN A 409 -13.23 32.10 24.11
N GLU A 410 -13.83 31.07 23.50
CA GLU A 410 -15.30 30.95 23.43
C GLU A 410 -15.88 30.14 24.60
N GLY A 411 -15.12 30.05 25.68
CA GLY A 411 -15.62 29.49 26.95
C GLY A 411 -15.57 28.00 27.22
N VAL A 412 -14.93 27.18 26.39
CA VAL A 412 -14.78 25.75 26.71
C VAL A 412 -13.80 25.62 27.89
N PRO A 413 -14.21 24.92 28.98
CA PRO A 413 -13.34 24.72 30.15
C PRO A 413 -12.17 23.73 29.93
N LEU A 414 -11.36 24.00 28.91
CA LEU A 414 -10.18 23.19 28.60
C LEU A 414 -9.06 23.53 29.58
N LYS A 415 -8.68 22.56 30.41
CA LYS A 415 -7.69 22.81 31.44
C LYS A 415 -6.30 22.29 31.10
N GLY A 416 -6.18 21.55 30.00
CA GLY A 416 -4.88 20.96 29.67
C GLY A 416 -4.83 20.41 28.26
N TYR A 417 -3.61 20.10 27.83
CA TYR A 417 -3.38 19.61 26.48
C TYR A 417 -2.14 18.69 26.44
N PHE A 418 -2.27 17.52 25.82
CA PHE A 418 -1.22 16.46 25.90
C PHE A 418 -0.82 16.03 24.49
N VAL A 419 0.47 16.13 24.20
CA VAL A 419 0.97 15.70 22.92
C VAL A 419 1.10 14.14 22.94
N TRP A 420 0.55 13.48 21.93
CA TRP A 420 0.92 12.08 21.70
C TRP A 420 2.04 12.14 20.65
N SER A 421 3.27 11.78 20.97
CA SER A 421 3.70 11.13 22.21
C SER A 421 5.02 11.71 22.72
N LEU A 422 5.36 11.47 23.97
CA LEU A 422 6.74 11.76 24.31
C LEU A 422 7.70 11.08 23.27
N LEU A 423 7.57 9.76 23.07
CA LEU A 423 8.56 8.98 22.30
C LEU A 423 7.95 8.30 21.08
N ASP A 424 8.78 8.02 20.08
CA ASP A 424 8.40 7.07 19.04
C ASP A 424 8.19 5.75 19.80
N ASN A 425 7.15 4.99 19.43
CA ASN A 425 6.87 3.78 20.21
C ASN A 425 6.15 2.71 19.38
N PHE A 426 5.75 1.62 20.02
CA PHE A 426 5.01 0.53 19.34
C PHE A 426 3.59 1.00 18.97
N GLU A 427 3.36 1.22 17.69
CA GLU A 427 2.08 1.72 17.26
C GLU A 427 1.11 0.58 16.92
N TRP A 428 0.80 -0.22 17.95
CA TRP A 428 -0.22 -1.27 17.87
C TRP A 428 -0.02 -2.15 16.60
N ALA A 429 -1.06 -2.37 15.80
CA ALA A 429 -0.93 -3.31 14.67
C ALA A 429 -0.02 -2.78 13.54
N GLU A 430 0.39 -1.50 13.63
CA GLU A 430 1.42 -0.95 12.74
C GLU A 430 2.85 -1.22 13.21
N GLY A 431 3.03 -1.72 14.45
CA GLY A 431 4.36 -1.94 14.96
C GLY A 431 5.18 -0.65 15.01
N TYR A 432 6.50 -0.78 14.83
CA TYR A 432 7.40 0.37 15.00
C TYR A 432 7.47 1.27 13.76
N SER A 433 6.71 0.95 12.73
CA SER A 433 6.81 1.66 11.47
C SER A 433 6.17 3.04 11.52
N LYS A 434 5.39 3.34 12.56
CA LYS A 434 4.83 4.69 12.69
C LYS A 434 5.36 5.46 13.89
N ARG A 435 5.94 6.63 13.61
CA ARG A 435 6.61 7.44 14.62
C ARG A 435 5.80 8.67 15.00
N PHE A 436 5.26 8.67 16.23
CA PHE A 436 4.45 9.78 16.74
C PHE A 436 5.21 10.68 17.73
N GLY A 437 6.44 10.34 18.10
CA GLY A 437 7.12 11.07 19.16
C GLY A 437 7.59 12.48 18.82
N ILE A 438 7.76 13.31 19.85
CA ILE A 438 8.48 14.56 19.71
C ILE A 438 9.93 14.29 20.11
N VAL A 439 10.18 13.07 20.60
CA VAL A 439 11.51 12.55 20.81
C VAL A 439 11.67 11.29 19.93
N TYR A 440 12.73 11.32 19.12
CA TYR A 440 13.09 10.24 18.26
C TYR A 440 13.78 9.12 19.02
N VAL A 441 13.37 7.88 18.76
CA VAL A 441 14.02 6.70 19.32
C VAL A 441 14.67 5.86 18.22
N ASP A 442 15.98 5.68 18.35
CA ASP A 442 16.76 4.81 17.50
C ASP A 442 16.70 3.45 18.15
N TYR A 443 15.96 2.55 17.52
CA TYR A 443 15.66 1.27 18.13
C TYR A 443 16.86 0.34 18.23
N SER A 444 17.84 0.51 17.34
CA SER A 444 19.06 -0.33 17.37
C SER A 444 19.96 0.00 18.56
N THR A 445 19.84 1.21 19.09
CA THR A 445 20.67 1.64 20.23
C THR A 445 19.87 2.04 21.47
N GLN A 446 18.59 2.40 21.28
CA GLN A 446 17.75 3.06 22.29
C GLN A 446 18.14 4.52 22.57
N LYS A 447 18.92 5.10 21.68
CA LYS A 447 19.24 6.51 21.77
C LYS A 447 17.96 7.31 21.50
N ARG A 448 17.74 8.33 22.34
CA ARG A 448 16.70 9.35 22.16
C ARG A 448 17.32 10.64 21.58
N ILE A 449 16.67 11.21 20.58
CA ILE A 449 17.10 12.42 19.95
C ILE A 449 15.88 13.32 19.94
N VAL A 450 15.94 14.43 20.69
CA VAL A 450 14.82 15.38 20.73
C VAL A 450 14.59 15.95 19.34
N LYS A 451 13.36 15.87 18.84
CA LYS A 451 13.02 16.41 17.51
C LYS A 451 12.81 17.93 17.56
N ASP A 452 12.86 18.56 16.39
CA ASP A 452 12.60 20.00 16.29
C ASP A 452 11.23 20.32 16.93
N SER A 453 10.24 19.43 16.72
CA SER A 453 8.91 19.57 17.34
C SER A 453 8.96 19.58 18.88
N GLY A 454 9.80 18.73 19.46
CA GLY A 454 10.05 18.75 20.91
C GLY A 454 10.62 20.07 21.45
N TYR A 455 11.61 20.63 20.74
CA TYR A 455 12.20 21.89 21.16
C TYR A 455 11.17 22.99 21.07
N TRP A 456 10.47 23.00 19.93
CA TRP A 456 9.39 23.91 19.65
C TRP A 456 8.30 23.85 20.72
N TYR A 457 7.92 22.63 21.12
CA TYR A 457 6.87 22.45 22.16
C TYR A 457 7.34 22.94 23.51
N SER A 458 8.61 22.73 23.82
CA SER A 458 9.21 23.24 25.05
C SER A 458 9.07 24.76 25.16
N ASN A 459 9.36 25.45 24.05
CA ASN A 459 9.23 26.91 23.98
C ASN A 459 7.78 27.32 24.18
N VAL A 460 6.86 26.62 23.50
CA VAL A 460 5.43 26.79 23.78
C VAL A 460 5.05 26.64 25.28
N VAL A 461 5.57 25.63 25.96
CA VAL A 461 5.20 25.44 27.38
C VAL A 461 5.76 26.58 28.25
N LYS A 462 7.06 26.86 28.07
CA LYS A 462 7.74 27.98 28.71
C LYS A 462 6.94 29.30 28.58
N ASN A 463 6.53 29.66 27.37
CA ASN A 463 5.74 30.88 27.15
C ASN A 463 4.25 30.74 27.46
N ASN A 464 3.81 29.55 27.89
CA ASN A 464 2.36 29.27 28.09
C ASN A 464 1.46 29.62 26.90
N GLY A 465 1.95 29.40 25.69
CA GLY A 465 1.14 29.58 24.48
C GLY A 465 1.95 29.89 23.22
N LEU A 466 1.25 30.26 22.15
CA LEU A 466 1.87 30.49 20.84
C LEU A 466 2.31 31.96 20.60
N GLU A 467 3.20 32.14 19.63
CA GLU A 467 3.76 33.47 19.27
C GLU A 467 3.96 33.63 17.77
N VAL B 25 -2.60 1.12 3.64
CA VAL B 25 -2.35 -0.13 2.83
C VAL B 25 -3.26 -0.23 1.61
N LYS B 26 -2.67 -0.71 0.51
CA LYS B 26 -3.46 -1.09 -0.68
C LYS B 26 -3.25 -2.59 -0.86
N LYS B 27 -4.17 -3.38 -0.32
CA LYS B 27 -4.08 -4.83 -0.37
C LYS B 27 -4.77 -5.26 -1.66
N PHE B 28 -4.21 -6.25 -2.34
CA PHE B 28 -4.80 -6.73 -3.59
C PHE B 28 -5.69 -7.95 -3.31
N PRO B 29 -6.58 -8.30 -4.26
CA PRO B 29 -7.35 -9.55 -4.20
C PRO B 29 -6.49 -10.73 -3.79
N GLU B 30 -7.13 -11.77 -3.28
CA GLU B 30 -6.43 -12.98 -2.88
C GLU B 30 -6.01 -13.71 -4.16
N GLY B 31 -4.79 -14.21 -4.18
CA GLY B 31 -4.27 -14.91 -5.35
C GLY B 31 -3.68 -14.03 -6.46
N PHE B 32 -3.92 -12.72 -6.41
CA PHE B 32 -3.30 -11.79 -7.34
C PHE B 32 -1.86 -12.17 -7.63
N LEU B 33 -1.50 -12.21 -8.92
CA LEU B 33 -0.20 -12.73 -9.36
C LEU B 33 0.84 -11.63 -9.49
N TRP B 34 1.97 -11.80 -8.79
CA TRP B 34 3.04 -10.80 -8.79
C TRP B 34 4.22 -11.30 -9.61
N GLY B 35 4.60 -10.54 -10.65
CA GLY B 35 5.58 -11.05 -11.60
C GLY B 35 6.80 -10.20 -11.87
N VAL B 36 7.78 -10.85 -12.50
CA VAL B 36 8.81 -10.10 -13.22
C VAL B 36 8.84 -10.55 -14.69
N ALA B 37 9.29 -9.68 -15.59
CA ALA B 37 9.29 -10.03 -17.04
C ALA B 37 10.67 -9.84 -17.71
N THR B 38 11.00 -10.75 -18.64
CA THR B 38 12.18 -10.58 -19.54
C THR B 38 11.85 -11.02 -20.99
N ALA B 39 12.81 -10.87 -21.90
CA ALA B 39 12.70 -11.41 -23.29
C ALA B 39 14.01 -12.11 -23.71
N SER B 40 13.89 -13.21 -24.46
CA SER B 40 14.99 -14.08 -24.86
C SER B 40 16.18 -13.35 -25.47
N TYR B 41 15.94 -12.57 -26.52
CA TYR B 41 17.06 -11.85 -27.13
C TYR B 41 17.65 -10.78 -26.20
N GLN B 42 16.83 -10.24 -25.30
CA GLN B 42 17.36 -9.15 -24.49
C GLN B 42 18.31 -9.63 -23.38
N ILE B 43 18.21 -10.93 -23.06
CA ILE B 43 18.76 -11.52 -21.83
CA ILE B 43 18.90 -11.43 -21.86
C ILE B 43 19.81 -12.61 -22.09
N GLU B 44 19.52 -13.46 -23.08
CA GLU B 44 20.21 -14.77 -23.22
C GLU B 44 21.67 -14.79 -23.67
N GLY B 45 22.00 -14.04 -24.72
CA GLY B 45 23.34 -14.11 -25.33
C GLY B 45 23.48 -15.47 -25.96
N SER B 46 24.66 -15.79 -26.51
CA SER B 46 24.80 -17.07 -27.24
C SER B 46 23.65 -17.30 -28.24
N PRO B 47 23.45 -16.34 -29.17
CA PRO B 47 22.31 -16.50 -30.10
C PRO B 47 22.49 -17.70 -31.04
N LEU B 48 23.73 -18.01 -31.39
CA LEU B 48 24.01 -19.08 -32.33
C LEU B 48 24.43 -20.43 -31.69
N ALA B 49 24.41 -20.51 -30.36
CA ALA B 49 24.86 -21.71 -29.67
C ALA B 49 23.95 -22.89 -29.92
N ASP B 50 24.53 -24.08 -29.95
CA ASP B 50 23.78 -25.35 -29.88
C ASP B 50 22.74 -25.53 -30.99
N GLY B 51 23.14 -25.13 -32.20
CA GLY B 51 22.40 -25.43 -33.45
C GLY B 51 21.29 -24.42 -33.77
N ALA B 52 21.24 -23.34 -32.99
CA ALA B 52 20.24 -22.26 -33.13
C ALA B 52 20.43 -21.43 -34.42
N GLY B 53 19.33 -21.13 -35.12
CA GLY B 53 19.44 -20.35 -36.34
C GLY B 53 19.55 -18.90 -35.98
N MET B 54 19.96 -18.06 -36.92
CA MET B 54 19.99 -16.61 -36.66
C MET B 54 18.58 -16.05 -36.54
N SER B 55 18.43 -15.01 -35.72
CA SER B 55 17.17 -14.25 -35.66
C SER B 55 17.36 -12.96 -36.45
N ILE B 56 16.25 -12.23 -36.69
CA ILE B 56 16.35 -10.91 -37.36
C ILE B 56 17.03 -9.85 -36.50
N TRP B 57 17.02 -10.04 -35.17
CA TRP B 57 17.76 -9.16 -34.25
C TRP B 57 19.30 -9.37 -34.26
N HIS B 58 19.74 -10.60 -34.42
CA HIS B 58 21.18 -10.85 -34.70
C HIS B 58 21.66 -10.01 -35.90
N THR B 59 20.99 -10.15 -37.03
CA THR B 59 21.42 -9.53 -38.28
C THR B 59 21.22 -8.02 -38.25
N PHE B 60 20.12 -7.58 -37.64
CA PHE B 60 19.83 -6.17 -37.57
C PHE B 60 20.86 -5.45 -36.67
N SER B 61 21.18 -6.02 -35.50
CA SER B 61 22.18 -5.40 -34.60
C SER B 61 23.62 -5.55 -35.11
N HIS B 62 23.90 -6.61 -35.88
CA HIS B 62 25.19 -6.76 -36.58
C HIS B 62 25.31 -5.92 -37.84
N THR B 63 24.28 -5.12 -38.13
CA THR B 63 24.34 -4.14 -39.20
C THR B 63 24.73 -2.79 -38.62
N PRO B 64 25.83 -2.20 -39.11
CA PRO B 64 26.25 -0.90 -38.61
C PRO B 64 25.24 0.26 -38.74
N GLY B 65 25.08 1.02 -37.67
CA GLY B 65 24.18 2.15 -37.70
C GLY B 65 22.80 1.86 -37.13
N ASN B 66 22.52 0.61 -36.83
CA ASN B 66 21.19 0.22 -36.35
C ASN B 66 20.97 0.34 -34.84
N VAL B 67 22.01 0.04 -34.05
CA VAL B 67 21.91 -0.01 -32.59
C VAL B 67 22.99 0.90 -31.93
N LYS B 68 22.58 1.61 -30.88
CA LYS B 68 23.44 2.54 -30.15
C LYS B 68 24.75 1.86 -29.80
N ASN B 69 25.85 2.56 -30.10
CA ASN B 69 27.22 2.12 -29.81
C ASN B 69 27.59 0.76 -30.40
N GLY B 70 26.85 0.34 -31.43
CA GLY B 70 27.04 -0.99 -32.01
C GLY B 70 26.74 -2.17 -31.09
N ASP B 71 25.94 -1.98 -30.04
CA ASP B 71 25.67 -3.09 -29.13
C ASP B 71 24.92 -4.20 -29.87
N THR B 72 25.12 -5.46 -29.44
CA THR B 72 24.41 -6.60 -30.00
C THR B 72 23.90 -7.45 -28.85
N GLY B 73 23.12 -8.48 -29.15
CA GLY B 73 22.73 -9.48 -28.17
C GLY B 73 23.64 -10.69 -28.14
N ASP B 74 24.88 -10.55 -28.64
CA ASP B 74 25.81 -11.67 -28.64
C ASP B 74 26.02 -12.24 -27.24
N VAL B 75 26.13 -11.34 -26.26
CA VAL B 75 26.39 -11.77 -24.88
C VAL B 75 25.23 -11.38 -23.99
N ALA B 76 24.82 -10.12 -24.05
CA ALA B 76 23.79 -9.61 -23.13
C ALA B 76 24.12 -9.94 -21.66
N CYS B 77 23.17 -10.57 -20.97
CA CYS B 77 23.23 -10.87 -19.55
C CYS B 77 23.78 -12.25 -19.35
N ASP B 78 24.12 -12.89 -20.47
CA ASP B 78 24.60 -14.27 -20.50
C ASP B 78 23.69 -15.21 -19.67
N HIS B 79 22.37 -15.00 -19.79
CA HIS B 79 21.38 -15.85 -19.14
C HIS B 79 21.32 -17.21 -19.78
N TYR B 80 21.83 -17.33 -21.01
CA TYR B 80 21.94 -18.64 -21.61
C TYR B 80 22.75 -19.57 -20.68
N ASN B 81 23.74 -18.98 -20.00
CA ASN B 81 24.59 -19.73 -19.09
C ASN B 81 24.16 -19.58 -17.63
N ARG B 82 23.85 -18.35 -17.23
CA ARG B 82 23.61 -18.00 -15.83
C ARG B 82 22.13 -18.06 -15.41
N TRP B 83 21.37 -18.93 -16.07
CA TRP B 83 19.93 -18.99 -15.86
C TRP B 83 19.50 -19.44 -14.46
N LYS B 84 20.22 -20.42 -13.90
CA LYS B 84 19.89 -20.99 -12.57
C LYS B 84 19.93 -19.94 -11.50
N GLU B 85 21.02 -19.18 -11.45
CA GLU B 85 21.15 -18.05 -10.55
C GLU B 85 19.98 -17.11 -10.70
N ASP B 86 19.73 -16.67 -11.94
CA ASP B 86 18.68 -15.69 -12.21
C ASP B 86 17.33 -16.16 -11.64
N ILE B 87 17.02 -17.43 -11.81
CA ILE B 87 15.82 -18.02 -11.23
C ILE B 87 15.90 -18.03 -9.70
N GLU B 88 17.02 -18.46 -9.13
CA GLU B 88 17.19 -18.42 -7.67
CA GLU B 88 17.20 -18.43 -7.67
C GLU B 88 17.05 -17.00 -7.14
N ILE B 89 17.42 -16.00 -7.95
CA ILE B 89 17.27 -14.60 -7.54
C ILE B 89 15.81 -14.22 -7.47
N ILE B 90 14.99 -14.85 -8.33
CA ILE B 90 13.53 -14.67 -8.28
C ILE B 90 13.02 -15.39 -7.02
N GLU B 91 13.57 -16.56 -6.73
CA GLU B 91 13.16 -17.30 -5.55
C GLU B 91 13.44 -16.45 -4.28
N LYS B 92 14.68 -15.97 -4.15
CA LYS B 92 15.11 -15.13 -3.01
C LYS B 92 14.24 -13.87 -2.82
N LEU B 93 13.64 -13.38 -3.90
CA LEU B 93 12.78 -12.18 -3.82
C LEU B 93 11.33 -12.59 -3.56
N GLY B 94 11.06 -13.88 -3.65
CA GLY B 94 9.70 -14.40 -3.44
C GLY B 94 8.68 -14.03 -4.51
N VAL B 95 9.13 -13.36 -5.58
CA VAL B 95 8.27 -13.03 -6.72
C VAL B 95 7.63 -14.35 -7.21
N LYS B 96 6.35 -14.32 -7.53
CA LYS B 96 5.61 -15.56 -7.75
C LYS B 96 5.46 -15.97 -9.22
N ALA B 97 5.59 -14.97 -10.11
CA ALA B 97 5.40 -15.15 -11.57
C ALA B 97 6.62 -14.70 -12.33
N TYR B 98 6.96 -15.46 -13.37
CA TYR B 98 8.06 -15.07 -14.27
C TYR B 98 7.59 -15.07 -15.74
N ARG B 99 7.48 -13.87 -16.31
CA ARG B 99 7.12 -13.72 -17.72
C ARG B 99 8.37 -13.80 -18.57
N PHE B 100 8.48 -14.83 -19.41
CA PHE B 100 9.68 -14.92 -20.29
C PHE B 100 9.38 -15.41 -21.73
N SER B 101 10.29 -15.14 -22.70
CA SER B 101 10.04 -15.57 -24.09
C SER B 101 10.94 -16.67 -24.60
N ILE B 102 10.42 -17.37 -25.61
CA ILE B 102 11.14 -18.43 -26.29
C ILE B 102 11.68 -17.87 -27.61
N SER B 103 12.96 -18.14 -27.87
CA SER B 103 13.59 -17.80 -29.13
C SER B 103 13.14 -18.80 -30.16
N TRP B 104 12.24 -18.37 -31.05
CA TRP B 104 11.78 -19.23 -32.16
C TRP B 104 12.93 -19.98 -32.85
N PRO B 105 13.98 -19.27 -33.28
CA PRO B 105 15.08 -19.92 -34.03
C PRO B 105 16.01 -20.83 -33.20
N ARG B 106 15.90 -20.82 -31.88
CA ARG B 106 16.56 -21.84 -31.07
C ARG B 106 15.83 -23.15 -31.18
N ILE B 107 14.52 -23.08 -31.42
CA ILE B 107 13.60 -24.22 -31.48
C ILE B 107 13.48 -24.76 -32.92
N LEU B 108 13.32 -23.83 -33.87
CA LEU B 108 13.25 -24.17 -35.27
C LEU B 108 14.23 -23.27 -36.00
N PRO B 109 15.47 -23.74 -36.20
CA PRO B 109 16.50 -22.86 -36.71
C PRO B 109 16.17 -22.31 -38.08
N GLU B 110 15.34 -23.05 -38.83
CA GLU B 110 14.94 -22.70 -40.18
CA GLU B 110 14.93 -22.71 -40.20
C GLU B 110 13.54 -22.10 -40.19
N GLY B 111 13.00 -21.84 -39.01
CA GLY B 111 11.66 -21.32 -38.93
C GLY B 111 10.60 -22.39 -38.96
N THR B 112 10.68 -23.30 -39.94
CA THR B 112 9.78 -24.46 -40.02
C THR B 112 10.63 -25.72 -40.11
N GLY B 113 9.99 -26.89 -40.00
CA GLY B 113 10.67 -28.17 -40.31
C GLY B 113 11.34 -28.81 -39.10
N ARG B 114 12.68 -28.84 -39.09
CA ARG B 114 13.41 -29.60 -38.06
C ARG B 114 13.46 -28.95 -36.68
N VAL B 115 13.00 -29.67 -35.66
CA VAL B 115 13.07 -29.19 -34.26
C VAL B 115 14.49 -29.35 -33.68
N ASN B 116 15.00 -28.31 -33.02
CA ASN B 116 16.29 -28.39 -32.37
C ASN B 116 16.10 -28.91 -30.93
N GLN B 117 16.43 -30.18 -30.71
CA GLN B 117 16.35 -30.83 -29.40
C GLN B 117 17.03 -30.03 -28.30
N LYS B 118 18.20 -29.46 -28.58
CA LYS B 118 18.89 -28.68 -27.56
C LYS B 118 18.22 -27.33 -27.23
N GLY B 119 17.35 -26.87 -28.13
CA GLY B 119 16.57 -25.67 -27.85
C GLY B 119 15.48 -26.05 -26.90
N LEU B 120 14.91 -27.23 -27.09
CA LEU B 120 13.93 -27.76 -26.14
C LEU B 120 14.54 -28.02 -24.74
N ASP B 121 15.70 -28.67 -24.71
CA ASP B 121 16.43 -28.88 -23.46
C ASP B 121 16.56 -27.57 -22.69
N PHE B 122 17.03 -26.51 -23.36
CA PHE B 122 17.31 -25.27 -22.67
C PHE B 122 16.11 -24.75 -21.91
N TYR B 123 14.95 -24.76 -22.56
CA TYR B 123 13.77 -24.16 -21.97
C TYR B 123 13.09 -25.14 -20.97
N ASN B 124 13.12 -26.44 -21.28
CA ASN B 124 12.57 -27.45 -20.33
C ASN B 124 13.22 -27.39 -18.96
N ARG B 125 14.51 -27.10 -18.91
CA ARG B 125 15.21 -26.86 -17.64
C ARG B 125 14.72 -25.60 -16.92
N ILE B 126 14.52 -24.51 -17.66
CA ILE B 126 13.99 -23.30 -17.04
C ILE B 126 12.59 -23.58 -16.51
N ILE B 127 11.78 -24.24 -17.33
CA ILE B 127 10.42 -24.60 -16.95
C ILE B 127 10.44 -25.42 -15.66
N ASP B 128 11.25 -26.47 -15.62
CA ASP B 128 11.25 -27.41 -14.49
C ASP B 128 11.67 -26.70 -13.21
N THR B 129 12.87 -26.14 -13.22
CA THR B 129 13.40 -25.29 -12.16
C THR B 129 12.35 -24.34 -11.63
N LEU B 130 11.70 -23.60 -12.51
CA LEU B 130 10.65 -22.64 -12.11
C LEU B 130 9.51 -23.28 -11.27
N LEU B 131 9.02 -24.45 -11.70
CA LEU B 131 7.98 -25.16 -10.94
C LEU B 131 8.51 -25.70 -9.62
N GLU B 132 9.68 -26.34 -9.70
CA GLU B 132 10.43 -26.86 -8.57
C GLU B 132 10.52 -25.83 -7.43
N LYS B 133 10.51 -24.55 -7.79
CA LYS B 133 10.57 -23.48 -6.80
C LYS B 133 9.26 -22.73 -6.65
N GLY B 134 8.17 -23.36 -7.08
CA GLY B 134 6.86 -22.74 -7.02
C GLY B 134 6.74 -21.36 -7.68
N ILE B 135 7.50 -21.12 -8.77
CA ILE B 135 7.30 -19.89 -9.58
C ILE B 135 6.50 -20.23 -10.84
N THR B 136 5.38 -19.54 -11.06
CA THR B 136 4.58 -19.82 -12.27
C THR B 136 5.10 -19.11 -13.55
N PRO B 137 5.36 -19.92 -14.60
CA PRO B 137 5.78 -19.44 -15.94
C PRO B 137 4.65 -18.79 -16.77
N PHE B 138 4.86 -17.54 -17.17
CA PHE B 138 4.10 -16.94 -18.27
C PHE B 138 5.03 -16.93 -19.50
N VAL B 139 4.66 -17.68 -20.54
CA VAL B 139 5.56 -17.87 -21.70
C VAL B 139 5.10 -17.00 -22.87
N THR B 140 5.93 -16.04 -23.27
CA THR B 140 5.67 -15.21 -24.46
C THR B 140 6.16 -15.98 -25.65
N ILE B 141 5.24 -16.36 -26.53
CA ILE B 141 5.67 -17.17 -27.69
C ILE B 141 6.59 -16.33 -28.60
N TYR B 142 6.16 -15.10 -28.89
CA TYR B 142 6.97 -14.27 -29.81
C TYR B 142 7.26 -12.93 -29.21
N HIS B 143 8.54 -12.68 -28.93
CA HIS B 143 8.99 -11.37 -28.42
C HIS B 143 10.11 -10.87 -29.35
N TRP B 144 9.82 -10.96 -30.67
CA TRP B 144 10.44 -10.15 -31.71
C TRP B 144 11.66 -10.78 -32.40
N ASP B 145 12.15 -11.91 -31.91
CA ASP B 145 13.32 -12.56 -32.57
C ASP B 145 12.88 -13.57 -33.63
N LEU B 146 12.35 -13.06 -34.75
CA LEU B 146 11.86 -13.93 -35.84
C LEU B 146 13.09 -14.65 -36.37
N PRO B 147 12.96 -15.94 -36.76
CA PRO B 147 14.07 -16.59 -37.46
C PRO B 147 14.40 -15.85 -38.77
N PHE B 148 15.69 -15.57 -38.97
CA PHE B 148 16.16 -14.96 -40.20
C PHE B 148 15.72 -15.70 -41.49
N ALA B 149 15.70 -17.02 -41.45
CA ALA B 149 15.23 -17.88 -42.59
C ALA B 149 13.83 -17.49 -43.05
N LEU B 150 13.01 -17.05 -42.09
CA LEU B 150 11.64 -16.64 -42.41
C LEU B 150 11.54 -15.19 -42.95
N GLN B 151 12.41 -14.30 -42.48
CA GLN B 151 12.54 -12.96 -43.02
C GLN B 151 12.94 -12.97 -44.52
N LEU B 152 13.80 -13.92 -44.91
CA LEU B 152 14.12 -14.16 -46.33
C LEU B 152 12.88 -14.53 -47.15
N LYS B 153 11.86 -15.09 -46.53
N LYS B 153 11.86 -15.03 -46.49
CA LYS B 153 10.58 -15.35 -47.23
CA LYS B 153 10.58 -15.40 -47.11
C LYS B 153 9.55 -14.25 -46.96
C LYS B 153 9.55 -14.26 -46.92
N GLY B 154 10.03 -13.12 -46.45
CA GLY B 154 9.18 -11.96 -46.20
C GLY B 154 8.64 -11.80 -44.78
N GLY B 155 8.86 -12.79 -43.92
CA GLY B 155 8.52 -12.64 -42.51
C GLY B 155 7.07 -12.23 -42.38
N TRP B 156 6.80 -11.18 -41.60
CA TRP B 156 5.42 -10.80 -41.25
C TRP B 156 4.62 -10.24 -42.42
N ALA B 157 5.30 -9.91 -43.51
CA ALA B 157 4.62 -9.44 -44.74
C ALA B 157 3.99 -10.58 -45.52
N ASN B 158 4.43 -11.80 -45.24
CA ASN B 158 3.94 -12.99 -45.99
C ASN B 158 2.78 -13.67 -45.30
N ARG B 159 1.63 -13.81 -45.99
CA ARG B 159 0.41 -14.42 -45.41
C ARG B 159 0.71 -15.77 -44.81
N GLU B 160 1.70 -16.46 -45.39
CA GLU B 160 2.08 -17.81 -44.98
C GLU B 160 2.59 -17.87 -43.56
N ILE B 161 3.03 -16.74 -43.02
CA ILE B 161 3.53 -16.73 -41.64
C ILE B 161 2.47 -17.26 -40.68
N ALA B 162 1.20 -17.18 -41.06
CA ALA B 162 0.14 -17.70 -40.19
C ALA B 162 0.25 -19.22 -40.04
N ASP B 163 0.72 -19.92 -41.10
CA ASP B 163 0.98 -21.35 -41.00
CA ASP B 163 1.02 -21.36 -41.02
C ASP B 163 2.28 -21.55 -40.25
N TRP B 164 3.32 -20.78 -40.61
CA TRP B 164 4.60 -20.93 -39.93
C TRP B 164 4.42 -20.73 -38.41
N PHE B 165 3.63 -19.74 -38.01
CA PHE B 165 3.49 -19.39 -36.60
C PHE B 165 2.75 -20.48 -35.86
N ALA B 166 1.74 -21.06 -36.51
CA ALA B 166 0.92 -22.16 -36.01
C ALA B 166 1.75 -23.41 -35.77
N GLU B 167 2.62 -23.76 -36.71
CA GLU B 167 3.50 -24.92 -36.57
CA GLU B 167 3.43 -24.95 -36.51
C GLU B 167 4.47 -24.75 -35.39
N TYR B 168 5.05 -23.56 -35.30
CA TYR B 168 5.93 -23.24 -34.18
C TYR B 168 5.17 -23.34 -32.85
N SER B 169 4.00 -22.70 -32.78
CA SER B 169 3.16 -22.73 -31.57
C SER B 169 2.82 -24.14 -31.09
N ARG B 170 2.36 -24.99 -32.02
CA ARG B 170 2.16 -26.43 -31.80
C ARG B 170 3.39 -27.09 -31.14
N VAL B 171 4.60 -26.84 -31.68
CA VAL B 171 5.76 -27.48 -31.14
C VAL B 171 5.89 -27.13 -29.65
N LEU B 172 5.84 -25.83 -29.34
CA LEU B 172 5.89 -25.32 -27.96
C LEU B 172 4.79 -25.94 -27.08
N PHE B 173 3.57 -25.97 -27.61
CA PHE B 173 2.43 -26.46 -26.86
C PHE B 173 2.60 -27.94 -26.53
N GLU B 174 3.01 -28.72 -27.54
CA GLU B 174 3.23 -30.14 -27.39
C GLU B 174 4.39 -30.44 -26.44
N ASN B 175 5.46 -29.67 -26.57
CA ASN B 175 6.63 -29.94 -25.75
C ASN B 175 6.59 -29.36 -24.33
N PHE B 176 5.80 -28.31 -24.11
CA PHE B 176 5.87 -27.57 -22.85
C PHE B 176 4.51 -27.35 -22.18
N GLY B 177 3.43 -27.72 -22.85
CA GLY B 177 2.09 -27.37 -22.40
C GLY B 177 1.65 -28.20 -21.21
N ASP B 178 2.33 -29.33 -21.00
CA ASP B 178 2.12 -30.18 -19.83
C ASP B 178 2.43 -29.44 -18.52
N ARG B 179 3.45 -28.57 -18.54
CA ARG B 179 3.81 -27.78 -17.36
C ARG B 179 3.52 -26.27 -17.48
N VAL B 180 3.65 -25.71 -18.69
CA VAL B 180 3.27 -24.31 -18.86
C VAL B 180 1.80 -24.20 -19.27
N LYS B 181 1.06 -23.39 -18.53
CA LYS B 181 -0.38 -23.28 -18.65
C LYS B 181 -0.80 -21.83 -18.84
N ASN B 182 0.16 -20.91 -18.84
CA ASN B 182 -0.13 -19.52 -19.14
C ASN B 182 0.74 -19.03 -20.33
N TRP B 183 0.07 -18.55 -21.38
CA TRP B 183 0.70 -18.39 -22.69
C TRP B 183 0.32 -17.07 -23.32
N ILE B 184 1.25 -16.49 -24.08
CA ILE B 184 0.99 -15.23 -24.76
C ILE B 184 1.46 -15.45 -26.19
N THR B 185 0.58 -15.12 -27.14
CA THR B 185 0.97 -15.35 -28.54
C THR B 185 2.04 -14.36 -28.92
N LEU B 186 1.73 -13.07 -28.83
CA LEU B 186 2.62 -12.05 -29.32
C LEU B 186 2.78 -10.96 -28.33
N ASN B 187 4.01 -10.45 -28.25
CA ASN B 187 4.30 -9.19 -27.56
C ASN B 187 4.26 -8.02 -28.50
N GLU B 188 3.29 -7.13 -28.32
CA GLU B 188 3.26 -5.83 -28.94
C GLU B 188 3.29 -5.85 -30.49
N PRO B 189 2.27 -6.49 -31.10
CA PRO B 189 2.20 -6.55 -32.56
C PRO B 189 2.26 -5.18 -33.21
N TRP B 190 1.84 -4.12 -32.52
CA TRP B 190 1.93 -2.77 -33.09
C TRP B 190 3.39 -2.36 -33.37
N VAL B 191 4.27 -2.72 -32.43
CA VAL B 191 5.66 -2.37 -32.49
C VAL B 191 6.30 -3.21 -33.59
N VAL B 192 6.02 -4.51 -33.58
CA VAL B 192 6.52 -5.43 -34.58
C VAL B 192 6.24 -4.89 -35.97
N ALA B 193 4.97 -4.54 -36.22
CA ALA B 193 4.53 -4.05 -37.51
C ALA B 193 5.08 -2.67 -37.82
N ILE B 194 4.74 -1.70 -36.99
CA ILE B 194 5.01 -0.29 -37.27
C ILE B 194 6.46 0.13 -37.01
N VAL B 195 7.02 -0.32 -35.90
CA VAL B 195 8.38 0.10 -35.59
C VAL B 195 9.37 -0.71 -36.44
N GLY B 196 9.01 -1.96 -36.75
CA GLY B 196 9.86 -2.86 -37.55
C GLY B 196 9.77 -2.63 -39.06
N HIS B 197 8.59 -2.17 -39.54
CA HIS B 197 8.34 -2.14 -40.99
C HIS B 197 7.89 -0.82 -41.56
N LEU B 198 7.47 0.13 -40.70
CA LEU B 198 7.21 1.51 -41.12
C LEU B 198 8.34 2.48 -40.71
N TYR B 199 8.76 2.48 -39.44
CA TYR B 199 9.80 3.43 -39.02
C TYR B 199 11.21 2.91 -39.28
N GLY B 200 11.33 1.59 -39.36
CA GLY B 200 12.62 0.93 -39.59
C GLY B 200 13.60 1.03 -38.43
N VAL B 201 13.15 1.30 -37.19
CA VAL B 201 14.11 1.34 -36.06
C VAL B 201 14.27 0.00 -35.35
N HIS B 202 13.35 -0.94 -35.59
CA HIS B 202 13.54 -2.30 -35.12
C HIS B 202 13.65 -3.26 -36.28
N ALA B 203 14.20 -4.43 -36.02
CA ALA B 203 14.26 -5.46 -37.05
C ALA B 203 12.82 -5.76 -37.60
N PRO B 204 12.69 -6.04 -38.93
CA PRO B 204 13.76 -6.08 -39.95
C PRO B 204 14.27 -4.74 -40.51
N GLY B 205 13.83 -3.61 -39.96
CA GLY B 205 14.40 -2.34 -40.37
C GLY B 205 13.89 -1.79 -41.69
N MET B 206 12.63 -2.06 -42.02
CA MET B 206 11.98 -1.55 -43.24
C MET B 206 11.17 -0.25 -42.99
N ARG B 207 10.96 0.52 -44.06
CA ARG B 207 10.06 1.66 -44.04
C ARG B 207 9.14 1.59 -45.25
N ASP B 208 8.03 0.87 -45.08
CA ASP B 208 7.06 0.77 -46.13
C ASP B 208 5.66 0.61 -45.49
N ILE B 209 4.80 1.60 -45.65
CA ILE B 209 3.51 1.60 -44.95
C ILE B 209 2.57 0.50 -45.44
N TYR B 210 2.73 0.07 -46.68
CA TYR B 210 1.90 -1.01 -47.21
C TYR B 210 2.34 -2.31 -46.57
N VAL B 211 3.64 -2.52 -46.45
CA VAL B 211 4.09 -3.74 -45.80
C VAL B 211 3.66 -3.72 -44.30
N ALA B 212 3.85 -2.58 -43.64
CA ALA B 212 3.54 -2.41 -42.20
C ALA B 212 2.11 -2.87 -41.90
N PHE B 213 1.15 -2.46 -42.71
CA PHE B 213 -0.26 -2.85 -42.46
C PHE B 213 -0.59 -4.29 -42.80
N ARG B 214 0.11 -4.82 -43.80
CA ARG B 214 0.04 -6.25 -44.05
C ARG B 214 0.61 -7.08 -42.89
N ALA B 215 1.70 -6.59 -42.28
CA ALA B 215 2.21 -7.17 -41.02
C ALA B 215 1.17 -7.08 -39.86
N VAL B 216 0.51 -5.92 -39.70
CA VAL B 216 -0.55 -5.77 -38.65
C VAL B 216 -1.57 -6.91 -38.83
N HIS B 217 -1.98 -7.12 -40.07
CA HIS B 217 -3.01 -8.10 -40.45
C HIS B 217 -2.58 -9.54 -40.34
N ASN B 218 -1.39 -9.86 -40.84
CA ASN B 218 -0.84 -11.20 -40.68
C ASN B 218 -0.53 -11.54 -39.20
N LEU B 219 -0.12 -10.54 -38.41
CA LEU B 219 0.05 -10.73 -36.93
C LEU B 219 -1.23 -11.30 -36.30
N LEU B 220 -2.37 -10.72 -36.64
CA LEU B 220 -3.66 -11.10 -36.04
C LEU B 220 -4.10 -12.47 -36.50
N ARG B 221 -3.84 -12.76 -37.77
CA ARG B 221 -4.14 -14.03 -38.38
C ARG B 221 -3.25 -15.12 -37.76
N ALA B 222 -1.97 -14.84 -37.57
CA ALA B 222 -1.11 -15.86 -36.95
C ALA B 222 -1.51 -16.11 -35.49
N HIS B 223 -1.72 -15.03 -34.75
CA HIS B 223 -2.22 -15.08 -33.40
C HIS B 223 -3.42 -16.05 -33.28
N ALA B 224 -4.43 -15.82 -34.12
CA ALA B 224 -5.64 -16.58 -34.10
C ALA B 224 -5.40 -18.03 -34.44
N ARG B 225 -4.53 -18.33 -35.42
CA ARG B 225 -4.15 -19.72 -35.73
CA ARG B 225 -4.23 -19.74 -35.69
C ARG B 225 -3.47 -20.40 -34.55
N ALA B 226 -2.70 -19.63 -33.79
CA ALA B 226 -2.01 -20.17 -32.62
C ALA B 226 -2.99 -20.47 -31.49
N VAL B 227 -4.01 -19.62 -31.32
CA VAL B 227 -5.01 -19.85 -30.29
C VAL B 227 -5.84 -21.05 -30.67
N LYS B 228 -6.12 -21.25 -31.95
CA LYS B 228 -6.90 -22.40 -32.39
C LYS B 228 -6.12 -23.69 -32.21
N VAL B 229 -4.80 -23.65 -32.41
CA VAL B 229 -3.93 -24.81 -32.14
C VAL B 229 -3.92 -25.05 -30.63
N PHE B 230 -3.79 -23.97 -29.86
CA PHE B 230 -3.78 -24.07 -28.41
C PHE B 230 -4.97 -24.89 -27.87
N ARG B 231 -6.14 -24.74 -28.48
CA ARG B 231 -7.33 -25.42 -27.96
C ARG B 231 -7.24 -26.93 -28.19
N GLU B 232 -6.54 -27.32 -29.24
CA GLU B 232 -6.30 -28.74 -29.54
C GLU B 232 -5.17 -29.38 -28.70
N THR B 233 -4.35 -28.58 -28.01
CA THR B 233 -3.10 -29.13 -27.47
C THR B 233 -2.89 -28.92 -25.97
N VAL B 234 -3.62 -28.02 -25.34
CA VAL B 234 -3.33 -27.74 -23.93
C VAL B 234 -4.57 -27.83 -23.05
N LYS B 235 -4.44 -28.68 -22.03
CA LYS B 235 -5.54 -29.15 -21.18
C LYS B 235 -6.35 -28.04 -20.49
N ASP B 236 -5.76 -27.43 -19.47
CA ASP B 236 -6.46 -26.41 -18.73
C ASP B 236 -5.56 -25.21 -18.77
N GLY B 237 -5.23 -24.78 -19.99
CA GLY B 237 -4.36 -23.65 -20.17
C GLY B 237 -5.13 -22.39 -20.48
N LYS B 238 -4.47 -21.25 -20.27
CA LYS B 238 -5.00 -20.00 -20.76
C LYS B 238 -4.01 -19.34 -21.73
N ILE B 239 -4.57 -18.66 -22.72
CA ILE B 239 -3.77 -18.01 -23.79
C ILE B 239 -4.27 -16.59 -24.03
N GLY B 240 -3.33 -15.65 -24.10
CA GLY B 240 -3.64 -14.24 -24.31
C GLY B 240 -2.73 -13.61 -25.35
N ILE B 241 -2.72 -12.28 -25.34
CA ILE B 241 -1.96 -11.48 -26.28
C ILE B 241 -1.67 -10.16 -25.60
N VAL B 242 -0.53 -9.53 -25.95
CA VAL B 242 -0.02 -8.35 -25.23
C VAL B 242 0.12 -7.12 -26.11
N PHE B 243 -0.36 -6.00 -25.57
CA PHE B 243 -0.35 -4.75 -26.30
C PHE B 243 0.38 -3.67 -25.55
N ASN B 244 1.15 -2.86 -26.30
CA ASN B 244 1.72 -1.64 -25.78
C ASN B 244 0.61 -0.65 -25.72
N ASN B 245 0.65 0.25 -24.74
CA ASN B 245 -0.35 1.28 -24.63
C ASN B 245 0.29 2.53 -24.07
N GLY B 246 -0.19 3.67 -24.53
CA GLY B 246 0.17 4.94 -23.93
C GLY B 246 -1.08 5.70 -23.52
N TYR B 247 -0.95 6.49 -22.44
CA TYR B 247 -2.03 7.37 -22.03
C TYR B 247 -1.88 8.67 -22.77
N PHE B 248 -2.73 8.87 -23.76
CA PHE B 248 -2.74 10.09 -24.55
C PHE B 248 -3.77 11.09 -24.01
N GLU B 249 -3.36 12.36 -23.88
CA GLU B 249 -4.34 13.42 -23.61
C GLU B 249 -4.16 14.64 -24.52
N PRO B 250 -5.23 15.41 -24.76
CA PRO B 250 -5.10 16.46 -25.77
C PRO B 250 -4.32 17.66 -25.23
N ALA B 251 -3.70 18.40 -26.14
CA ALA B 251 -2.89 19.58 -25.78
C ALA B 251 -3.80 20.71 -25.29
N SER B 252 -4.86 20.97 -26.04
CA SER B 252 -5.91 21.89 -25.63
C SER B 252 -7.23 21.14 -25.64
N GLU B 253 -8.32 21.87 -25.42
CA GLU B 253 -9.66 21.29 -25.49
C GLU B 253 -10.34 21.61 -26.82
N LYS B 254 -9.55 21.97 -27.82
CA LYS B 254 -10.06 22.14 -29.19
C LYS B 254 -10.65 20.82 -29.74
N GLU B 255 -11.79 20.93 -30.42
CA GLU B 255 -12.40 19.89 -31.26
C GLU B 255 -11.39 18.83 -31.77
N GLU B 256 -10.50 19.30 -32.65
CA GLU B 256 -9.53 18.48 -33.38
C GLU B 256 -8.46 17.83 -32.52
N ASP B 257 -8.08 18.46 -31.42
CA ASP B 257 -7.08 17.88 -30.53
C ASP B 257 -7.60 16.64 -29.81
N ILE B 258 -8.88 16.68 -29.43
CA ILE B 258 -9.53 15.58 -28.72
C ILE B 258 -9.69 14.38 -29.65
N ARG B 259 -9.99 14.65 -30.91
CA ARG B 259 -10.06 13.64 -31.95
C ARG B 259 -8.68 13.05 -32.28
N ALA B 260 -7.64 13.87 -32.22
CA ALA B 260 -6.29 13.38 -32.40
C ALA B 260 -6.00 12.33 -31.35
N VAL B 261 -6.38 12.63 -30.11
CA VAL B 261 -6.31 11.66 -29.00
C VAL B 261 -7.06 10.38 -29.37
N ARG B 262 -8.30 10.48 -29.85
CA ARG B 262 -9.06 9.30 -30.26
C ARG B 262 -8.32 8.48 -31.32
N PHE B 263 -7.70 9.15 -32.29
CA PHE B 263 -6.96 8.45 -33.34
C PHE B 263 -5.81 7.67 -32.75
N MET B 264 -5.11 8.28 -31.81
CA MET B 264 -3.92 7.69 -31.24
C MET B 264 -4.25 6.52 -30.35
N HIS B 265 -5.37 6.60 -29.63
CA HIS B 265 -5.80 5.47 -28.83
C HIS B 265 -6.20 4.30 -29.76
N GLN B 266 -6.96 4.60 -30.81
CA GLN B 266 -7.39 3.53 -31.72
C GLN B 266 -6.19 2.84 -32.42
N PHE B 267 -5.13 3.60 -32.73
CA PHE B 267 -4.03 3.10 -33.56
C PHE B 267 -2.86 2.54 -32.75
N ASN B 268 -2.34 3.32 -31.81
CA ASN B 268 -1.26 2.90 -30.92
C ASN B 268 -1.66 1.92 -29.83
N ASN B 269 -2.93 1.95 -29.42
CA ASN B 269 -3.30 1.14 -28.21
C ASN B 269 -4.01 -0.16 -28.59
N TYR B 270 -4.45 -0.96 -27.61
CA TYR B 270 -5.16 -2.24 -27.85
C TYR B 270 -6.30 -2.26 -28.90
N PRO B 271 -7.04 -1.13 -29.14
CA PRO B 271 -8.16 -1.28 -30.09
C PRO B 271 -7.73 -1.72 -31.50
N LEU B 272 -6.50 -1.39 -31.93
CA LEU B 272 -6.08 -1.75 -33.30
C LEU B 272 -6.26 -3.26 -33.46
N PHE B 273 -6.10 -4.01 -32.36
CA PHE B 273 -6.12 -5.45 -32.39
C PHE B 273 -7.36 -6.04 -31.75
N LEU B 274 -7.92 -5.32 -30.76
CA LEU B 274 -9.10 -5.81 -30.02
C LEU B 274 -10.39 -5.53 -30.73
N ASN B 275 -10.43 -4.49 -31.55
CA ASN B 275 -11.61 -4.30 -32.38
C ASN B 275 -11.76 -5.47 -33.37
N PRO B 276 -10.67 -5.80 -34.12
CA PRO B 276 -10.71 -7.06 -34.89
C PRO B 276 -11.15 -8.30 -34.09
N ILE B 277 -10.47 -8.59 -32.98
CA ILE B 277 -10.69 -9.84 -32.21
C ILE B 277 -12.12 -9.94 -31.59
N TYR B 278 -12.61 -8.83 -31.02
CA TYR B 278 -13.98 -8.76 -30.44
C TYR B 278 -15.12 -8.26 -31.34
N ARG B 279 -14.83 -7.40 -32.32
CA ARG B 279 -15.89 -6.80 -33.15
C ARG B 279 -15.82 -7.13 -34.66
N GLY B 280 -14.71 -7.72 -35.09
CA GLY B 280 -14.62 -8.26 -36.43
C GLY B 280 -14.30 -7.24 -37.49
N ASP B 281 -13.75 -6.10 -37.08
CA ASP B 281 -13.16 -5.14 -38.02
C ASP B 281 -12.14 -4.22 -37.32
N TYR B 282 -11.30 -3.49 -38.09
CA TYR B 282 -10.37 -2.53 -37.47
C TYR B 282 -11.16 -1.34 -36.97
N PRO B 283 -10.60 -0.55 -36.02
CA PRO B 283 -11.34 0.62 -35.56
C PRO B 283 -11.58 1.65 -36.68
N GLU B 284 -12.66 2.40 -36.54
CA GLU B 284 -13.13 3.40 -37.50
C GLU B 284 -12.09 4.39 -37.99
N LEU B 285 -11.33 4.99 -37.08
CA LEU B 285 -10.39 6.05 -37.46
C LEU B 285 -9.08 5.46 -38.05
N VAL B 286 -8.75 4.24 -37.65
CA VAL B 286 -7.67 3.47 -38.28
C VAL B 286 -8.05 3.22 -39.75
N LEU B 287 -9.29 2.80 -39.97
CA LEU B 287 -9.78 2.56 -41.31
C LEU B 287 -9.73 3.83 -42.16
N GLU B 288 -10.18 4.95 -41.59
CA GLU B 288 -10.13 6.23 -42.27
CA GLU B 288 -10.14 6.24 -42.29
C GLU B 288 -8.70 6.57 -42.70
N PHE B 289 -7.75 6.29 -41.81
CA PHE B 289 -6.32 6.54 -42.13
C PHE B 289 -5.71 5.53 -43.11
N ALA B 290 -6.02 4.27 -42.96
CA ALA B 290 -5.15 3.21 -43.49
C ALA B 290 -5.81 2.11 -44.33
N ARG B 291 -7.08 2.29 -44.71
CA ARG B 291 -7.74 1.28 -45.54
CA ARG B 291 -7.79 1.34 -45.58
C ARG B 291 -6.98 1.08 -46.86
N GLU B 292 -6.36 2.14 -47.40
CA GLU B 292 -5.60 2.00 -48.65
CA GLU B 292 -5.50 2.09 -48.60
C GLU B 292 -4.38 1.07 -48.49
N TYR B 293 -3.84 0.93 -47.27
CA TYR B 293 -2.64 0.12 -47.01
C TYR B 293 -2.89 -1.30 -46.59
N LEU B 294 -4.12 -1.58 -46.21
CA LEU B 294 -4.50 -2.93 -45.77
C LEU B 294 -4.78 -3.84 -46.95
N PRO B 295 -4.60 -5.15 -46.78
CA PRO B 295 -4.88 -6.04 -47.93
C PRO B 295 -6.31 -5.90 -48.48
N GLU B 296 -6.36 -5.97 -49.82
N GLU B 296 -6.50 -5.86 -49.81
CA GLU B 296 -7.54 -6.35 -50.56
CA GLU B 296 -7.82 -5.54 -50.41
C GLU B 296 -8.22 -7.57 -49.92
C GLU B 296 -9.10 -6.23 -49.81
N ASN B 297 -9.50 -7.38 -49.57
N ASN B 297 -9.01 -7.54 -49.59
CA ASN B 297 -10.28 -8.44 -48.95
CA ASN B 297 -10.12 -8.34 -49.04
C ASN B 297 -9.74 -8.87 -47.58
C ASN B 297 -9.88 -8.77 -47.59
N TYR B 298 -9.17 -7.93 -46.83
CA TYR B 298 -8.72 -8.26 -45.47
C TYR B 298 -9.90 -8.77 -44.59
N LYS B 299 -11.10 -8.23 -44.82
CA LYS B 299 -12.23 -8.56 -43.94
C LYS B 299 -12.71 -10.00 -44.05
N ASP B 300 -12.35 -10.72 -45.12
CA ASP B 300 -12.56 -12.18 -45.20
C ASP B 300 -11.83 -12.92 -44.09
N ASP B 301 -10.77 -12.30 -43.52
CA ASP B 301 -10.02 -13.01 -42.48
C ASP B 301 -10.58 -12.71 -41.08
N MET B 302 -11.52 -11.79 -40.99
CA MET B 302 -11.94 -11.26 -39.67
C MET B 302 -12.71 -12.29 -38.88
N SER B 303 -13.42 -13.14 -39.61
CA SER B 303 -14.16 -14.23 -38.95
C SER B 303 -13.24 -15.21 -38.20
N GLU B 304 -12.08 -15.56 -38.78
CA GLU B 304 -11.10 -16.41 -38.08
C GLU B 304 -10.37 -15.65 -36.98
N ILE B 305 -10.18 -14.35 -37.18
CA ILE B 305 -9.39 -13.54 -36.25
C ILE B 305 -10.08 -13.45 -34.87
N GLN B 306 -11.40 -13.56 -34.87
CA GLN B 306 -12.27 -13.54 -33.68
C GLN B 306 -12.20 -14.78 -32.77
N GLU B 307 -11.34 -15.72 -33.14
CA GLU B 307 -10.97 -16.85 -32.27
C GLU B 307 -10.84 -16.40 -30.79
N LYS B 308 -11.66 -16.98 -29.90
CA LYS B 308 -11.79 -16.58 -28.47
C LYS B 308 -10.49 -16.64 -27.70
N ILE B 309 -10.16 -15.55 -26.98
CA ILE B 309 -9.02 -15.51 -26.05
C ILE B 309 -9.43 -15.48 -24.54
N ASP B 310 -8.49 -15.82 -23.65
CA ASP B 310 -8.73 -15.89 -22.21
C ASP B 310 -8.35 -14.59 -21.51
N PHE B 311 -7.29 -13.93 -21.96
CA PHE B 311 -6.88 -12.68 -21.31
C PHE B 311 -6.24 -11.70 -22.26
N VAL B 312 -6.23 -10.45 -21.83
CA VAL B 312 -5.58 -9.38 -22.54
C VAL B 312 -4.46 -8.93 -21.62
N GLY B 313 -3.23 -8.96 -22.13
CA GLY B 313 -2.11 -8.36 -21.40
C GLY B 313 -1.94 -6.93 -21.82
N LEU B 314 -1.76 -6.03 -20.86
CA LEU B 314 -1.45 -4.62 -21.16
C LEU B 314 -0.07 -4.26 -20.62
N ASN B 315 0.72 -3.63 -21.49
CA ASN B 315 2.01 -3.07 -21.15
C ASN B 315 1.79 -1.56 -21.04
N TYR B 316 2.34 -0.93 -20.00
CA TYR B 316 2.18 0.51 -19.83
C TYR B 316 3.40 1.16 -19.15
N TYR B 317 3.80 2.31 -19.68
CA TYR B 317 5.02 2.94 -19.24
C TYR B 317 4.85 4.44 -19.14
N SER B 318 4.20 5.05 -20.12
CA SER B 318 4.20 6.49 -20.13
C SER B 318 3.00 7.11 -20.78
N GLY B 319 2.95 8.44 -20.72
CA GLY B 319 1.84 9.24 -21.23
C GLY B 319 2.35 10.32 -22.14
N HIS B 320 1.49 10.83 -23.01
CA HIS B 320 1.90 11.74 -24.06
C HIS B 320 0.79 12.73 -24.25
N LEU B 321 1.16 13.95 -24.61
CA LEU B 321 0.24 15.01 -24.93
C LEU B 321 0.23 15.19 -26.43
N VAL B 322 -0.95 15.24 -27.06
CA VAL B 322 -0.98 15.33 -28.52
C VAL B 322 -1.92 16.40 -29.00
N LYS B 323 -1.75 16.78 -30.26
CA LYS B 323 -2.58 17.80 -30.90
C LYS B 323 -2.70 17.48 -32.39
N PHE B 324 -3.74 17.98 -33.01
CA PHE B 324 -3.94 17.92 -34.46
C PHE B 324 -2.83 18.71 -35.16
N ASP B 325 -2.32 18.14 -36.26
CA ASP B 325 -1.25 18.78 -37.02
C ASP B 325 -1.37 18.39 -38.47
N PRO B 326 -1.83 19.32 -39.32
CA PRO B 326 -2.02 19.08 -40.75
C PRO B 326 -0.72 18.73 -41.47
N ASP B 327 0.38 18.71 -40.74
CA ASP B 327 1.68 18.47 -41.33
C ASP B 327 2.27 17.11 -40.95
N ALA B 328 1.59 16.39 -40.05
CA ALA B 328 1.99 15.04 -39.66
C ALA B 328 1.13 14.00 -40.37
N LYS B 331 -2.07 12.78 -38.99
CA LYS B 331 -2.30 14.21 -38.79
C LYS B 331 -2.22 14.61 -37.30
N VAL B 332 -1.19 14.12 -36.63
CA VAL B 332 -1.07 14.18 -35.19
C VAL B 332 0.39 14.42 -34.79
N SER B 333 0.61 15.37 -33.89
CA SER B 333 1.93 15.66 -33.38
C SER B 333 1.96 15.56 -31.87
N PHE B 334 3.05 15.00 -31.33
CA PHE B 334 3.31 15.01 -29.90
C PHE B 334 3.72 16.43 -29.50
N VAL B 335 3.36 16.84 -28.29
CA VAL B 335 3.93 18.08 -27.78
C VAL B 335 4.49 17.79 -26.40
N GLU B 336 5.66 18.36 -26.14
CA GLU B 336 6.36 18.06 -24.92
C GLU B 336 5.78 18.92 -23.81
N ARG B 337 5.49 18.29 -22.68
CA ARG B 337 5.12 19.01 -21.47
C ARG B 337 6.22 18.83 -20.43
N ASP B 338 6.02 19.41 -19.24
CA ASP B 338 7.03 19.40 -18.20
C ASP B 338 7.24 18.01 -17.62
N LEU B 339 6.65 17.74 -16.45
CA LEU B 339 6.61 16.39 -15.90
C LEU B 339 7.97 15.68 -15.83
N PRO B 340 8.23 14.95 -14.73
CA PRO B 340 9.46 14.16 -14.62
C PRO B 340 9.56 12.99 -15.61
N LYS B 341 10.74 12.78 -16.17
CA LYS B 341 10.98 11.79 -17.22
C LYS B 341 12.01 10.73 -16.79
N THR B 342 11.96 9.55 -17.42
CA THR B 342 12.97 8.53 -17.14
C THR B 342 14.18 8.78 -18.03
N ALA B 343 15.18 7.90 -17.96
CA ALA B 343 16.33 7.93 -18.88
C ALA B 343 15.96 7.85 -20.38
N MET B 344 14.75 7.34 -20.69
CA MET B 344 14.28 7.26 -22.09
C MET B 344 13.63 8.55 -22.50
N GLY B 345 13.43 9.45 -21.53
CA GLY B 345 12.76 10.72 -21.77
C GLY B 345 11.24 10.59 -21.73
N TRP B 346 10.74 9.46 -21.25
CA TRP B 346 9.30 9.21 -21.23
C TRP B 346 8.68 9.80 -19.95
N GLU B 347 7.64 10.62 -20.14
CA GLU B 347 6.91 11.29 -19.05
C GLU B 347 6.17 10.31 -18.12
N ILE B 348 6.41 10.47 -16.81
CA ILE B 348 5.90 9.58 -15.76
C ILE B 348 4.52 10.04 -15.30
N VAL B 349 3.49 9.33 -15.75
CA VAL B 349 2.09 9.72 -15.57
C VAL B 349 1.30 8.51 -15.02
N PRO B 350 1.44 8.21 -13.72
CA PRO B 350 0.89 6.95 -13.19
C PRO B 350 -0.61 6.78 -13.38
N GLU B 351 -1.36 7.87 -13.57
CA GLU B 351 -2.80 7.77 -13.75
C GLU B 351 -3.21 7.22 -15.14
N GLY B 352 -2.22 7.06 -16.03
CA GLY B 352 -2.43 6.40 -17.32
C GLY B 352 -2.70 4.91 -17.22
N ILE B 353 -2.12 4.25 -16.22
CA ILE B 353 -2.36 2.83 -16.03
C ILE B 353 -3.76 2.53 -15.48
N TYR B 354 -4.39 3.55 -14.91
CA TYR B 354 -5.73 3.42 -14.39
C TYR B 354 -6.64 3.59 -15.59
N TRP B 355 -6.44 4.71 -16.29
CA TRP B 355 -7.24 5.09 -17.45
C TRP B 355 -7.31 3.95 -18.48
N ILE B 356 -6.17 3.31 -18.74
CA ILE B 356 -6.08 2.27 -19.77
C ILE B 356 -6.81 1.00 -19.33
N LEU B 357 -6.69 0.71 -18.03
CA LEU B 357 -7.42 -0.41 -17.42
C LEU B 357 -8.92 -0.22 -17.45
N LYS B 358 -9.37 0.98 -17.13
CA LYS B 358 -10.80 1.31 -17.15
C LYS B 358 -11.31 1.20 -18.56
N LYS B 359 -10.62 1.87 -19.46
CA LYS B 359 -11.00 1.92 -20.88
C LYS B 359 -11.18 0.56 -21.53
N VAL B 360 -10.31 -0.39 -21.22
CA VAL B 360 -10.38 -1.71 -21.86
C VAL B 360 -11.60 -2.52 -21.41
N LYS B 361 -11.96 -2.40 -20.13
CA LYS B 361 -13.20 -2.97 -19.62
C LYS B 361 -14.39 -2.27 -20.28
N GLU B 362 -14.39 -0.95 -20.36
CA GLU B 362 -15.46 -0.22 -21.03
C GLU B 362 -15.66 -0.56 -22.51
N GLU B 363 -14.56 -0.78 -23.24
CA GLU B 363 -14.64 -0.96 -24.69
C GLU B 363 -14.84 -2.40 -25.13
N TYR B 364 -14.12 -3.32 -24.50
CA TYR B 364 -14.14 -4.74 -24.93
C TYR B 364 -14.50 -5.70 -23.79
N ASN B 365 -14.42 -5.23 -22.55
CA ASN B 365 -14.85 -6.06 -21.43
C ASN B 365 -14.22 -7.44 -21.42
N PRO B 366 -12.88 -7.53 -21.50
CA PRO B 366 -12.23 -8.86 -21.45
C PRO B 366 -12.43 -9.53 -20.07
N PRO B 367 -12.40 -10.89 -20.01
CA PRO B 367 -12.62 -11.61 -18.74
C PRO B 367 -11.52 -11.43 -17.70
N GLU B 368 -10.26 -11.47 -18.16
CA GLU B 368 -9.09 -11.24 -17.33
C GLU B 368 -8.19 -10.21 -18.03
N VAL B 369 -7.53 -9.38 -17.22
CA VAL B 369 -6.54 -8.42 -17.70
C VAL B 369 -5.30 -8.58 -16.85
N TYR B 370 -4.12 -8.56 -17.47
CA TYR B 370 -2.87 -8.55 -16.69
C TYR B 370 -2.04 -7.38 -17.13
N ILE B 371 -1.28 -6.79 -16.22
CA ILE B 371 -0.25 -5.85 -16.61
CA ILE B 371 -0.23 -5.85 -16.61
C ILE B 371 0.96 -6.73 -16.88
N THR B 372 1.32 -6.82 -18.15
CA THR B 372 2.36 -7.74 -18.57
C THR B 372 3.75 -7.11 -18.49
N GLU B 373 3.81 -5.78 -18.39
CA GLU B 373 5.06 -5.05 -18.19
C GLU B 373 4.76 -3.67 -17.64
N ASN B 374 5.55 -3.23 -16.67
CA ASN B 374 5.52 -1.84 -16.22
C ASN B 374 6.87 -1.60 -15.57
N GLY B 375 7.49 -0.45 -15.84
CA GLY B 375 8.89 -0.28 -15.46
C GLY B 375 9.45 1.08 -15.79
N ALA B 376 10.68 1.33 -15.34
CA ALA B 376 11.35 2.58 -15.68
C ALA B 376 12.86 2.40 -15.86
N ALA B 377 13.46 3.29 -16.64
CA ALA B 377 14.90 3.32 -16.86
C ALA B 377 15.51 4.55 -16.18
N PHE B 378 16.57 4.36 -15.41
CA PHE B 378 17.25 5.49 -14.77
C PHE B 378 18.74 5.22 -14.79
N ASP B 379 19.54 6.25 -14.65
CA ASP B 379 20.96 6.03 -14.39
C ASP B 379 21.09 5.41 -12.99
N ASP B 380 21.58 4.17 -12.95
CA ASP B 380 21.68 3.41 -11.70
C ASP B 380 23.14 3.23 -11.40
N VAL B 381 23.63 3.75 -10.29
CA VAL B 381 25.04 3.59 -9.94
C VAL B 381 25.24 2.69 -8.73
N VAL B 382 26.32 1.90 -8.75
CA VAL B 382 26.78 1.16 -7.57
C VAL B 382 27.65 2.10 -6.72
N SER B 383 27.27 2.31 -5.46
CA SER B 383 28.08 3.19 -4.57
C SER B 383 29.11 2.32 -3.84
N GLU B 384 30.17 2.93 -3.29
CA GLU B 384 31.20 2.21 -2.51
C GLU B 384 30.46 1.33 -1.52
N ASP B 385 29.31 1.85 -1.12
CA ASP B 385 28.27 1.09 -0.43
C ASP B 385 28.06 -0.33 -0.99
N GLY B 386 28.15 -0.49 -2.32
CA GLY B 386 28.04 -1.82 -2.97
C GLY B 386 26.60 -2.15 -3.35
N ARG B 387 25.74 -1.15 -3.12
CA ARG B 387 24.31 -1.22 -3.41
CA ARG B 387 24.34 -1.27 -3.46
C ARG B 387 23.98 -0.26 -4.54
N VAL B 388 22.73 -0.31 -5.01
CA VAL B 388 22.19 0.66 -5.96
C VAL B 388 20.92 1.18 -5.30
N HIS B 389 20.89 2.49 -5.06
CA HIS B 389 19.79 3.11 -4.32
C HIS B 389 18.84 3.81 -5.28
N ASP B 390 17.89 3.04 -5.80
CA ASP B 390 16.97 3.55 -6.83
CA ASP B 390 16.93 3.46 -6.83
C ASP B 390 15.65 4.01 -6.24
N GLN B 391 15.70 5.13 -5.54
CA GLN B 391 14.47 5.69 -4.97
C GLN B 391 13.56 6.07 -6.12
N ASN B 392 14.16 6.41 -7.26
CA ASN B 392 13.42 6.89 -8.42
C ASN B 392 12.55 5.80 -9.03
N ARG B 393 13.09 4.59 -9.12
CA ARG B 393 12.36 3.43 -9.64
C ARG B 393 11.24 2.98 -8.70
N ILE B 394 11.59 2.65 -7.45
CA ILE B 394 10.58 2.31 -6.42
C ILE B 394 9.45 3.31 -6.36
N ASP B 395 9.79 4.60 -6.48
CA ASP B 395 8.76 5.63 -6.53
C ASP B 395 7.85 5.37 -7.73
N TYR B 396 8.45 5.32 -8.93
CA TYR B 396 7.70 5.08 -10.18
C TYR B 396 6.75 3.88 -10.01
N LEU B 397 7.28 2.77 -9.54
CA LEU B 397 6.51 1.55 -9.45
C LEU B 397 5.34 1.68 -8.49
N LYS B 398 5.65 2.05 -7.24
CA LYS B 398 4.65 2.15 -6.15
C LYS B 398 3.45 2.95 -6.62
N ALA B 399 3.73 4.03 -7.33
CA ALA B 399 2.71 4.92 -7.85
C ALA B 399 1.84 4.27 -8.94
N HIS B 400 2.41 3.34 -9.70
CA HIS B 400 1.65 2.74 -10.80
C HIS B 400 0.78 1.62 -10.29
N ILE B 401 1.37 0.74 -9.50
CA ILE B 401 0.63 -0.33 -8.85
C ILE B 401 -0.44 0.21 -7.87
N GLY B 402 -0.31 1.46 -7.47
CA GLY B 402 -1.35 2.12 -6.68
C GLY B 402 -2.53 2.55 -7.53
N GLN B 403 -2.26 2.88 -8.80
CA GLN B 403 -3.33 3.19 -9.74
C GLN B 403 -3.93 1.91 -10.32
N ALA B 404 -3.11 0.87 -10.41
CA ALA B 404 -3.61 -0.47 -10.70
C ALA B 404 -4.57 -0.99 -9.61
N TRP B 405 -4.10 -1.01 -8.37
CA TRP B 405 -4.98 -1.29 -7.22
C TRP B 405 -6.33 -0.58 -7.36
N LYS B 406 -6.27 0.72 -7.62
CA LYS B 406 -7.46 1.55 -7.76
C LYS B 406 -8.37 1.05 -8.86
N ALA B 407 -7.80 0.49 -9.92
CA ALA B 407 -8.61 0.02 -11.04
C ALA B 407 -9.42 -1.24 -10.66
N ILE B 408 -8.79 -2.13 -9.91
CA ILE B 408 -9.54 -3.25 -9.35
C ILE B 408 -10.76 -2.75 -8.57
N GLN B 409 -10.53 -1.84 -7.62
CA GLN B 409 -11.60 -1.32 -6.78
C GLN B 409 -12.80 -0.86 -7.60
N GLU B 410 -12.56 -0.47 -8.85
CA GLU B 410 -13.69 -0.05 -9.67
C GLU B 410 -14.21 -1.18 -10.59
N GLY B 411 -13.78 -2.41 -10.29
CA GLY B 411 -14.33 -3.61 -10.93
C GLY B 411 -13.57 -4.19 -12.12
N VAL B 412 -12.43 -3.59 -12.48
CA VAL B 412 -11.59 -4.12 -13.58
C VAL B 412 -11.02 -5.45 -13.14
N PRO B 413 -11.29 -6.53 -13.92
CA PRO B 413 -10.81 -7.86 -13.55
C PRO B 413 -9.29 -8.04 -13.70
N LEU B 414 -8.51 -7.13 -13.13
CA LEU B 414 -7.05 -7.21 -13.18
C LEU B 414 -6.49 -8.33 -12.29
N LYS B 415 -5.87 -9.35 -12.93
CA LYS B 415 -5.43 -10.56 -12.23
C LYS B 415 -3.94 -10.67 -11.89
N GLY B 416 -3.12 -9.70 -12.27
CA GLY B 416 -1.66 -9.88 -12.11
C GLY B 416 -0.88 -8.69 -12.60
N TYR B 417 0.39 -8.63 -12.23
CA TYR B 417 1.22 -7.48 -12.56
C TYR B 417 2.70 -7.87 -12.60
N PHE B 418 3.35 -7.58 -13.72
CA PHE B 418 4.74 -7.99 -13.93
C PHE B 418 5.59 -6.76 -14.13
N VAL B 419 6.74 -6.73 -13.46
CA VAL B 419 7.65 -5.58 -13.57
C VAL B 419 8.58 -5.84 -14.77
N TRP B 420 8.77 -4.84 -15.63
CA TRP B 420 9.85 -4.91 -16.60
C TRP B 420 11.00 -4.12 -16.02
N SER B 421 12.14 -4.74 -15.72
CA SER B 421 12.43 -6.16 -15.96
C SER B 421 13.16 -6.75 -14.72
N LEU B 422 13.16 -8.08 -14.60
CA LEU B 422 14.05 -8.76 -13.65
C LEU B 422 15.47 -8.22 -13.72
N LEU B 423 16.06 -8.21 -14.93
CA LEU B 423 17.46 -7.83 -15.14
C LEU B 423 17.61 -6.61 -16.02
N ASP B 424 18.66 -5.83 -15.78
CA ASP B 424 19.17 -4.85 -16.79
C ASP B 424 19.54 -5.64 -18.06
N ASN B 425 19.23 -5.10 -19.24
CA ASN B 425 19.37 -5.94 -20.42
C ASN B 425 19.62 -5.18 -21.70
N PHE B 426 19.64 -5.90 -22.83
CA PHE B 426 19.79 -5.28 -24.17
C PHE B 426 18.52 -4.49 -24.49
N GLU B 427 18.56 -3.16 -24.43
CA GLU B 427 17.34 -2.41 -24.70
C GLU B 427 17.16 -2.09 -26.20
N TRP B 428 17.12 -3.14 -27.01
CA TRP B 428 16.86 -3.03 -28.45
C TRP B 428 17.78 -1.97 -29.09
N ALA B 429 17.22 -0.98 -29.80
CA ALA B 429 18.08 -0.01 -30.54
C ALA B 429 18.89 0.91 -29.61
N GLU B 430 18.56 0.90 -28.33
CA GLU B 430 19.27 1.71 -27.33
C GLU B 430 20.47 0.93 -26.79
N GLY B 431 20.51 -0.36 -27.10
CA GLY B 431 21.58 -1.22 -26.62
C GLY B 431 21.55 -1.47 -25.12
N TYR B 432 22.74 -1.52 -24.53
CA TYR B 432 22.87 -1.76 -23.09
C TYR B 432 22.76 -0.48 -22.30
N SER B 433 22.68 0.63 -23.01
CA SER B 433 22.79 1.95 -22.40
C SER B 433 21.62 2.36 -21.52
N LYS B 434 20.60 1.51 -21.42
CA LYS B 434 19.37 1.83 -20.71
CA LYS B 434 19.37 1.83 -20.72
C LYS B 434 19.00 0.67 -19.83
N ARG B 435 18.86 0.95 -18.53
CA ARG B 435 18.73 -0.08 -17.50
C ARG B 435 17.35 -0.09 -16.88
N PHE B 436 16.65 -1.21 -17.04
CA PHE B 436 15.24 -1.29 -16.64
C PHE B 436 15.06 -2.18 -15.43
N GLY B 437 16.09 -2.95 -15.08
CA GLY B 437 15.97 -4.01 -14.10
C GLY B 437 15.69 -3.59 -12.65
N ILE B 438 15.27 -4.56 -11.84
CA ILE B 438 15.24 -4.44 -10.37
C ILE B 438 16.51 -5.13 -9.82
N VAL B 439 17.10 -5.99 -10.65
CA VAL B 439 18.45 -6.53 -10.53
C VAL B 439 19.44 -5.82 -11.49
N TYR B 440 20.50 -5.25 -10.92
CA TYR B 440 21.53 -4.59 -11.70
C TYR B 440 22.44 -5.67 -12.27
N VAL B 441 23.10 -5.35 -13.39
CA VAL B 441 24.00 -6.29 -14.04
C VAL B 441 25.24 -5.49 -14.43
N ASP B 442 26.38 -5.98 -13.99
CA ASP B 442 27.64 -5.41 -14.35
C ASP B 442 28.16 -6.27 -15.50
N TYR B 443 28.14 -5.68 -16.70
CA TYR B 443 28.41 -6.42 -17.93
C TYR B 443 29.85 -6.91 -18.07
N SER B 444 30.77 -6.16 -17.48
CA SER B 444 32.20 -6.54 -17.37
C SER B 444 32.40 -7.85 -16.62
N THR B 445 31.58 -8.08 -15.59
CA THR B 445 31.75 -9.25 -14.73
C THR B 445 30.58 -10.24 -14.80
N GLN B 446 29.41 -9.75 -15.23
CA GLN B 446 28.12 -10.48 -15.14
C GLN B 446 27.65 -10.66 -13.69
N LYS B 447 28.10 -9.73 -12.83
CA LYS B 447 27.67 -9.70 -11.43
C LYS B 447 26.24 -9.20 -11.34
N ARG B 448 25.38 -9.99 -10.69
CA ARG B 448 24.06 -9.56 -10.31
C ARG B 448 24.14 -8.80 -8.98
N ILE B 449 23.88 -7.50 -9.06
CA ILE B 449 23.67 -6.66 -7.88
C ILE B 449 22.18 -6.31 -7.76
N VAL B 450 21.44 -7.11 -6.99
CA VAL B 450 20.02 -6.79 -6.72
C VAL B 450 19.86 -5.34 -6.26
N LYS B 451 18.76 -4.69 -6.63
CA LYS B 451 18.59 -3.24 -6.37
C LYS B 451 17.57 -3.01 -5.26
N ASP B 452 17.55 -1.80 -4.69
CA ASP B 452 16.59 -1.45 -3.63
C ASP B 452 15.16 -1.70 -4.08
N SER B 453 14.83 -1.23 -5.29
CA SER B 453 13.54 -1.49 -5.96
C SER B 453 13.17 -2.96 -5.93
N GLY B 454 14.18 -3.82 -5.97
CA GLY B 454 13.95 -5.26 -5.96
C GLY B 454 13.77 -5.84 -4.58
N TYR B 455 14.18 -5.10 -3.55
CA TYR B 455 13.93 -5.48 -2.13
C TYR B 455 12.57 -4.93 -1.75
N TRP B 456 12.28 -3.76 -2.29
CA TRP B 456 11.02 -3.07 -2.08
C TRP B 456 9.79 -3.74 -2.74
N TYR B 457 10.03 -4.40 -3.88
CA TYR B 457 8.98 -5.11 -4.60
C TYR B 457 8.86 -6.48 -3.97
N SER B 458 10.00 -6.97 -3.50
CA SER B 458 10.06 -8.17 -2.67
C SER B 458 9.09 -8.05 -1.49
N ASN B 459 8.97 -6.83 -0.95
CA ASN B 459 8.04 -6.52 0.14
C ASN B 459 6.60 -6.58 -0.31
N VAL B 460 6.34 -5.89 -1.43
CA VAL B 460 5.00 -5.79 -2.03
C VAL B 460 4.38 -7.17 -2.20
N VAL B 461 5.16 -8.09 -2.77
CA VAL B 461 4.71 -9.46 -3.07
C VAL B 461 4.29 -10.14 -1.77
N LYS B 462 5.21 -10.12 -0.80
CA LYS B 462 4.97 -10.65 0.55
C LYS B 462 3.69 -10.11 1.19
N ASN B 463 3.41 -8.80 1.00
CA ASN B 463 2.24 -8.14 1.60
C ASN B 463 0.98 -8.27 0.77
N ASN B 464 1.09 -8.93 -0.38
CA ASN B 464 0.08 -8.81 -1.45
C ASN B 464 -0.42 -7.37 -1.60
N GLY B 465 0.51 -6.42 -1.54
CA GLY B 465 0.14 -5.01 -1.73
C GLY B 465 1.13 -3.97 -1.25
N LEU B 466 0.66 -2.72 -1.19
CA LEU B 466 1.51 -1.57 -0.90
C LEU B 466 1.53 -1.30 0.61
#